data_5UN6
#
_entry.id   5UN6
#
_cell.length_a   116.420
_cell.length_b   36.450
_cell.length_c   125.530
_cell.angle_alpha   90.00
_cell.angle_beta   93.73
_cell.angle_gamma   90.00
#
_symmetry.space_group_name_H-M   'P 1 2 1'
#
loop_
_entity.id
_entity.type
_entity.pdbx_description
1 polymer Frizzled-8
2 polymer 'Designed Wnt agonist B12'
#
loop_
_entity_poly.entity_id
_entity_poly.type
_entity_poly.pdbx_seq_one_letter_code
_entity_poly.pdbx_strand_id
1 'polypeptide(L)'
;ASAKELACQEITVPLCKGIGYQYTYMPNQFNHDTQDEAGLEVHQFWPLVEIQCSPDLKFFLCSMYTPICLEDYKKPLPPC
RSVCERAKAGCAPLMRQYGFAWPDRMRCDRLPEQGNPDTLCMDHHHHHH
;
A,B,C,D
2 'polypeptide(L)'
;GGVSFSEVMGKQKDEQAREQLKEGMIKIEEQGKKLSETRTQEELQKYVAAVATFALQAGFLGPNLEERRGFNRRGKEEIG
KISGEVYLKLLDLKKAVRAKEKKGLDILNMVGEIKGTLERVYA
;
E,F,G,H
#
# COMPACT_ATOMS: atom_id res chain seq x y z
N LEU A 6 19.64 -2.15 4.55
CA LEU A 6 18.92 -1.29 5.49
C LEU A 6 19.20 -1.72 6.92
N ALA A 7 19.68 -0.79 7.75
CA ALA A 7 19.96 -1.05 9.15
C ALA A 7 18.85 -0.42 9.98
N CYS A 8 18.05 -1.26 10.64
CA CYS A 8 16.93 -0.78 11.42
C CYS A 8 17.41 -0.21 12.75
N GLN A 9 16.77 0.86 13.20
CA GLN A 9 17.07 1.49 14.47
C GLN A 9 15.77 1.95 15.12
N GLU A 10 15.65 1.75 16.42
CA GLU A 10 14.43 2.14 17.12
C GLU A 10 14.18 3.64 16.99
N ILE A 11 12.93 4.01 16.69
CA ILE A 11 12.59 5.40 16.51
C ILE A 11 12.67 6.13 17.84
N THR A 12 13.45 7.22 17.87
CA THR A 12 13.63 8.01 19.08
C THR A 12 13.01 9.40 18.98
N VAL A 13 12.62 9.82 17.78
CA VAL A 13 11.93 11.10 17.58
C VAL A 13 10.61 11.08 18.33
N PRO A 14 10.43 11.94 19.33
CA PRO A 14 9.18 11.92 20.13
C PRO A 14 7.93 12.03 19.29
N LEU A 15 7.95 12.88 18.26
CA LEU A 15 6.76 13.07 17.42
C LEU A 15 6.40 11.80 16.66
N CYS A 16 7.36 10.93 16.38
CA CYS A 16 7.12 9.76 15.55
C CYS A 16 6.99 8.47 16.34
N LYS A 17 6.86 8.55 17.66
CA LYS A 17 6.67 7.35 18.46
C LYS A 17 5.18 6.96 18.46
N GLY A 18 4.93 5.65 18.48
CA GLY A 18 3.57 5.15 18.54
C GLY A 18 2.74 5.43 17.30
N ILE A 19 3.38 5.51 16.13
CA ILE A 19 2.67 5.79 14.90
C ILE A 19 2.20 4.53 14.18
N GLY A 20 2.58 3.36 14.66
CA GLY A 20 2.20 2.12 14.01
C GLY A 20 3.37 1.19 13.77
N TYR A 21 4.58 1.75 13.79
CA TYR A 21 5.80 0.96 13.67
C TYR A 21 6.89 1.57 14.54
N GLN A 22 7.79 0.71 15.03
CA GLN A 22 8.80 1.12 15.99
C GLN A 22 10.20 1.24 15.41
N TYR A 23 10.44 0.75 14.19
CA TYR A 23 11.79 0.72 13.65
C TYR A 23 11.87 1.54 12.37
N THR A 24 12.99 2.23 12.21
CA THR A 24 13.25 3.06 11.04
C THR A 24 14.68 2.83 10.60
N TYR A 25 15.05 3.40 9.46
CA TYR A 25 16.41 3.32 8.96
C TYR A 25 16.89 4.72 8.62
N MET A 26 18.20 4.82 8.43
CA MET A 26 18.85 6.07 8.06
C MET A 26 19.94 5.78 7.04
N PRO A 27 20.18 6.70 6.11
CA PRO A 27 19.52 8.00 5.97
C PRO A 27 18.13 7.94 5.34
N ASN A 28 17.29 8.94 5.61
CA ASN A 28 15.98 9.01 4.99
C ASN A 28 16.10 9.63 3.59
N GLN A 29 14.96 9.82 2.93
CA GLN A 29 14.95 10.40 1.60
C GLN A 29 15.52 11.81 1.57
N PHE A 30 15.51 12.51 2.70
CA PHE A 30 16.03 13.86 2.81
C PHE A 30 17.53 13.88 3.16
N ASN A 31 18.17 12.72 3.18
CA ASN A 31 19.61 12.58 3.43
C ASN A 31 20.00 13.03 4.84
N HIS A 32 19.10 12.88 5.80
CA HIS A 32 19.45 13.06 7.20
C HIS A 32 20.15 11.80 7.71
N ASP A 33 21.29 11.98 8.37
CA ASP A 33 22.10 10.84 8.77
C ASP A 33 21.72 10.26 10.12
N THR A 34 21.14 11.07 11.01
CA THR A 34 20.72 10.60 12.32
C THR A 34 19.29 11.07 12.59
N GLN A 35 18.63 10.37 13.52
CA GLN A 35 17.28 10.76 13.90
C GLN A 35 17.28 12.12 14.58
N ASP A 36 18.39 12.47 15.25
CA ASP A 36 18.51 13.80 15.83
C ASP A 36 18.41 14.87 14.75
N GLU A 37 19.06 14.63 13.60
CA GLU A 37 18.95 15.57 12.48
C GLU A 37 17.55 15.57 11.90
N ALA A 38 16.98 14.37 11.67
CA ALA A 38 15.63 14.30 11.15
C ALA A 38 14.60 14.79 12.16
N GLY A 39 14.86 14.54 13.45
CA GLY A 39 13.93 14.98 14.47
C GLY A 39 13.81 16.49 14.55
N LEU A 40 14.92 17.20 14.42
CA LEU A 40 14.90 18.65 14.56
C LEU A 40 14.02 19.31 13.50
N GLU A 41 13.96 18.74 12.29
CA GLU A 41 13.12 19.33 11.26
C GLU A 41 11.67 18.96 11.45
N VAL A 42 11.40 17.67 11.69
CA VAL A 42 10.01 17.23 11.75
C VAL A 42 9.31 17.85 12.96
N HIS A 43 10.05 18.18 14.01
CA HIS A 43 9.42 18.77 15.19
C HIS A 43 8.91 20.17 14.92
N GLN A 44 9.43 20.87 13.90
CA GLN A 44 8.91 22.19 13.58
C GLN A 44 7.45 22.13 13.15
N PHE A 45 7.00 20.98 12.66
CA PHE A 45 5.61 20.80 12.23
C PHE A 45 4.66 20.51 13.39
N TRP A 46 5.13 20.59 14.63
CA TRP A 46 4.30 20.15 15.75
C TRP A 46 3.01 20.95 15.91
N PRO A 47 2.95 22.27 15.65
CA PRO A 47 1.65 22.94 15.79
C PRO A 47 0.60 22.41 14.83
N LEU A 48 0.97 22.11 13.59
CA LEU A 48 0.03 21.54 12.64
C LEU A 48 -0.42 20.16 13.07
N VAL A 49 0.45 19.40 13.74
CA VAL A 49 0.08 18.08 14.22
C VAL A 49 -0.85 18.19 15.41
N GLU A 50 -0.55 19.09 16.35
CA GLU A 50 -1.35 19.22 17.56
C GLU A 50 -2.66 19.95 17.31
N ILE A 51 -2.72 20.84 16.33
CA ILE A 51 -3.98 21.49 15.98
C ILE A 51 -4.94 20.48 15.36
N GLN A 52 -4.42 19.38 14.81
CA GLN A 52 -5.19 18.32 14.18
C GLN A 52 -5.98 18.83 12.97
N CYS A 53 -5.29 19.51 12.07
CA CYS A 53 -5.88 19.83 10.78
C CYS A 53 -6.17 18.57 9.98
N SER A 54 -5.34 17.54 10.10
CA SER A 54 -5.55 16.27 9.42
C SER A 54 -5.20 15.10 10.33
N PRO A 55 -6.05 14.07 10.41
CA PRO A 55 -5.67 12.87 11.17
C PRO A 55 -4.50 12.11 10.56
N ASP A 56 -4.20 12.34 9.29
CA ASP A 56 -3.18 11.59 8.56
C ASP A 56 -1.83 12.31 8.52
N LEU A 57 -1.73 13.52 9.08
CA LEU A 57 -0.52 14.31 8.94
C LEU A 57 0.67 13.67 9.66
N LYS A 58 0.48 13.28 10.93
CA LYS A 58 1.59 12.75 11.72
C LYS A 58 2.19 11.50 11.07
N PHE A 59 1.34 10.58 10.61
CA PHE A 59 1.85 9.37 9.97
C PHE A 59 2.57 9.71 8.68
N PHE A 60 2.00 10.59 7.86
CA PHE A 60 2.62 10.95 6.60
C PHE A 60 4.00 11.56 6.80
N LEU A 61 4.11 12.57 7.67
CA LEU A 61 5.40 13.19 7.93
C LEU A 61 6.41 12.17 8.42
N CYS A 62 6.04 11.39 9.42
CA CYS A 62 6.98 10.41 9.99
C CYS A 62 7.35 9.33 8.98
N SER A 63 6.42 8.95 8.10
CA SER A 63 6.72 7.91 7.13
C SER A 63 7.81 8.33 6.15
N MET A 64 8.17 9.61 6.11
CA MET A 64 9.25 10.11 5.28
C MET A 64 10.49 10.47 6.08
N TYR A 65 10.33 11.19 7.18
CA TYR A 65 11.48 11.56 8.00
C TYR A 65 12.02 10.36 8.77
N THR A 66 11.16 9.44 9.19
CA THR A 66 11.57 8.19 9.83
C THR A 66 10.92 7.03 9.08
N PRO A 67 11.41 6.74 7.87
CA PRO A 67 10.78 5.69 7.06
C PRO A 67 10.78 4.35 7.76
N ILE A 68 9.73 3.57 7.53
CA ILE A 68 9.57 2.29 8.20
C ILE A 68 10.65 1.30 7.77
N CYS A 69 11.15 0.53 8.73
CA CYS A 69 12.16 -0.49 8.49
C CYS A 69 11.60 -1.81 8.99
N LEU A 70 11.65 -2.84 8.15
CA LEU A 70 11.10 -4.16 8.48
C LEU A 70 12.16 -5.23 8.24
N GLU A 71 12.26 -6.17 9.17
CA GLU A 71 13.29 -7.21 9.05
C GLU A 71 13.05 -8.13 7.86
N ASP A 72 11.78 -8.37 7.49
CA ASP A 72 11.48 -9.24 6.37
C ASP A 72 11.46 -8.48 5.03
N TYR A 73 10.88 -7.29 5.02
CA TYR A 73 10.78 -6.46 3.82
C TYR A 73 11.94 -5.47 3.81
N LYS A 74 13.03 -5.86 3.14
CA LYS A 74 14.22 -5.02 3.07
C LYS A 74 14.15 -4.03 1.91
N LYS A 75 13.06 -3.25 1.85
CA LYS A 75 12.84 -2.30 0.77
C LYS A 75 12.08 -1.10 1.32
N PRO A 76 12.37 0.12 0.86
CA PRO A 76 11.62 1.28 1.32
C PRO A 76 10.14 1.13 1.01
N LEU A 77 9.31 1.46 2.01
CA LEU A 77 7.85 1.38 1.90
C LEU A 77 7.25 2.76 2.09
N PRO A 78 6.96 3.48 1.01
CA PRO A 78 6.49 4.86 1.12
C PRO A 78 5.04 4.91 1.52
N PRO A 79 4.53 6.06 1.93
CA PRO A 79 3.09 6.20 2.17
C PRO A 79 2.34 6.22 0.86
N CYS A 80 1.13 5.65 0.87
CA CYS A 80 0.29 5.73 -0.31
C CYS A 80 -0.05 7.19 -0.60
N ARG A 81 -0.28 7.48 -1.88
CA ARG A 81 -0.59 8.85 -2.29
C ARG A 81 -1.83 9.37 -1.57
N SER A 82 -2.82 8.51 -1.34
CA SER A 82 -4.03 8.93 -0.65
C SER A 82 -3.73 9.48 0.73
N VAL A 83 -2.73 8.90 1.42
CA VAL A 83 -2.35 9.43 2.72
C VAL A 83 -1.84 10.86 2.58
N CYS A 84 -1.01 11.11 1.57
CA CYS A 84 -0.51 12.46 1.33
C CYS A 84 -1.64 13.41 0.97
N GLU A 85 -2.55 12.99 0.09
CA GLU A 85 -3.63 13.86 -0.37
C GLU A 85 -4.55 14.27 0.77
N ARG A 86 -4.91 13.31 1.63
CA ARG A 86 -5.77 13.63 2.77
C ARG A 86 -5.10 14.60 3.72
N ALA A 87 -3.80 14.40 3.97
CA ALA A 87 -3.06 15.31 4.84
C ALA A 87 -2.98 16.70 4.21
N LYS A 88 -2.85 16.77 2.88
CA LYS A 88 -2.84 18.06 2.22
C LYS A 88 -4.21 18.71 2.27
N ALA A 89 -5.27 17.93 2.06
CA ALA A 89 -6.62 18.48 2.08
C ALA A 89 -6.93 19.15 3.42
N GLY A 90 -6.48 18.55 4.51
CA GLY A 90 -6.78 19.08 5.83
C GLY A 90 -5.90 20.23 6.27
N CYS A 91 -4.60 20.14 6.02
CA CYS A 91 -3.62 21.05 6.60
C CYS A 91 -3.17 22.16 5.66
N ALA A 92 -3.17 21.93 4.35
CA ALA A 92 -2.72 22.97 3.42
C ALA A 92 -3.50 24.27 3.53
N PRO A 93 -4.83 24.29 3.66
CA PRO A 93 -5.52 25.57 3.87
C PRO A 93 -5.09 26.30 5.13
N LEU A 94 -4.94 25.56 6.24
CA LEU A 94 -4.50 26.19 7.47
C LEU A 94 -3.09 26.73 7.35
N MET A 95 -2.20 25.97 6.70
CA MET A 95 -0.85 26.46 6.46
C MET A 95 -0.90 27.73 5.61
N ARG A 96 -1.68 27.69 4.54
CA ARG A 96 -1.82 28.83 3.65
C ARG A 96 -2.29 30.06 4.42
N GLN A 97 -3.17 29.87 5.40
CA GLN A 97 -3.66 31.01 6.18
C GLN A 97 -2.55 31.66 6.98
N TYR A 98 -1.51 30.90 7.34
CA TYR A 98 -0.39 31.43 8.10
C TYR A 98 0.83 31.71 7.23
N GLY A 99 0.65 31.80 5.91
CA GLY A 99 1.69 32.23 5.02
C GLY A 99 2.65 31.17 4.54
N PHE A 100 2.33 29.89 4.71
CA PHE A 100 3.19 28.79 4.30
C PHE A 100 2.49 27.95 3.24
N ALA A 101 3.18 27.70 2.14
CA ALA A 101 2.70 26.83 1.08
C ALA A 101 3.05 25.38 1.40
N TRP A 102 2.43 24.47 0.66
CA TRP A 102 2.69 23.04 0.85
C TRP A 102 4.13 22.73 0.45
N PRO A 103 4.97 22.25 1.36
CA PRO A 103 6.41 22.07 1.05
C PRO A 103 6.64 21.23 -0.19
N ASP A 104 7.68 21.61 -0.96
CA ASP A 104 7.99 20.93 -2.20
C ASP A 104 8.41 19.48 -1.99
N ARG A 105 9.08 19.19 -0.88
CA ARG A 105 9.48 17.81 -0.60
C ARG A 105 8.28 16.92 -0.29
N MET A 106 7.13 17.51 0.05
CA MET A 106 5.92 16.77 0.41
C MET A 106 4.92 16.70 -0.74
N ARG A 107 5.37 16.93 -1.98
CA ARG A 107 4.47 16.82 -3.13
C ARG A 107 3.92 15.40 -3.26
N CYS A 108 2.60 15.29 -3.39
CA CYS A 108 1.95 13.99 -3.37
C CYS A 108 2.14 13.21 -4.67
N ASP A 109 2.40 13.90 -5.77
CA ASP A 109 2.58 13.22 -7.06
C ASP A 109 3.78 12.28 -7.06
N ARG A 110 4.75 12.49 -6.16
CA ARG A 110 5.94 11.66 -6.13
C ARG A 110 5.68 10.26 -5.56
N LEU A 111 4.58 10.08 -4.76
CA LEU A 111 4.23 8.85 -4.06
C LEU A 111 3.41 7.90 -4.94
N PRO A 112 3.57 6.59 -4.74
CA PRO A 112 2.78 5.64 -5.53
C PRO A 112 1.33 5.64 -5.11
N GLU A 113 0.46 5.35 -6.07
CA GLU A 113 -0.96 5.26 -5.79
C GLU A 113 -1.30 3.96 -5.07
N GLN A 114 -2.44 3.99 -4.36
CA GLN A 114 -2.94 2.84 -3.64
C GLN A 114 -3.47 1.76 -4.58
N GLY A 115 -3.27 0.51 -4.18
CA GLY A 115 -3.76 -0.62 -4.93
C GLY A 115 -2.97 -0.97 -6.17
N ASN A 116 -1.77 -0.45 -6.33
CA ASN A 116 -0.98 -0.81 -7.50
C ASN A 116 -0.31 -2.16 -7.25
N PRO A 117 -0.48 -3.14 -8.16
CA PRO A 117 0.11 -4.46 -7.93
C PRO A 117 1.63 -4.46 -7.98
N ASP A 118 2.24 -3.47 -8.62
CA ASP A 118 3.69 -3.49 -8.80
C ASP A 118 4.43 -2.94 -7.58
N THR A 119 3.90 -1.88 -6.96
CA THR A 119 4.56 -1.24 -5.84
C THR A 119 3.61 -1.18 -4.65
N LEU A 120 4.14 -1.49 -3.47
CA LEU A 120 3.39 -1.46 -2.22
C LEU A 120 3.57 -0.12 -1.50
N CYS A 121 2.53 0.28 -0.78
CA CYS A 121 2.57 1.50 0.02
C CYS A 121 1.71 1.32 1.26
N MET A 122 1.98 2.15 2.28
CA MET A 122 1.23 2.11 3.54
C MET A 122 0.04 3.07 3.48
N ASP A 123 -1.15 2.54 3.74
CA ASP A 123 -2.36 3.36 3.83
C ASP A 123 -3.16 2.93 5.04
N HIS A 124 -3.71 3.92 5.76
CA HIS A 124 -4.58 3.63 6.90
C HIS A 124 -5.70 4.66 7.00
N ALA B 17 -34.87 -3.93 57.30
CA ALA B 17 -33.53 -3.49 57.67
C ALA B 17 -32.52 -3.91 56.61
N ARG B 18 -32.59 -5.18 56.19
CA ARG B 18 -31.72 -5.65 55.12
C ARG B 18 -31.98 -4.91 53.82
N GLU B 19 -33.21 -4.41 53.63
CA GLU B 19 -33.48 -3.66 52.40
C GLU B 19 -32.99 -2.22 52.49
N GLN B 20 -32.66 -1.74 53.69
CA GLN B 20 -32.02 -0.43 53.80
C GLN B 20 -30.60 -0.49 53.25
N LEU B 21 -29.91 -1.61 53.49
CA LEU B 21 -28.56 -1.80 52.97
C LEU B 21 -28.52 -1.60 51.47
N LYS B 22 -29.46 -2.23 50.75
CA LYS B 22 -29.50 -2.09 49.30
C LYS B 22 -29.70 -0.63 48.88
N GLU B 23 -30.51 0.11 49.64
CA GLU B 23 -30.64 1.54 49.39
C GLU B 23 -29.32 2.26 49.68
N GLY B 24 -28.65 1.89 50.78
CA GLY B 24 -27.32 2.42 51.04
C GLY B 24 -26.30 1.94 50.02
N MET B 25 -26.46 0.71 49.53
CA MET B 25 -25.52 0.15 48.57
C MET B 25 -25.49 0.95 47.28
N ILE B 26 -26.67 1.28 46.73
CA ILE B 26 -26.73 2.05 45.50
C ILE B 26 -26.17 3.44 45.70
N LYS B 27 -26.35 4.03 46.89
CA LYS B 27 -25.74 5.33 47.17
C LYS B 27 -24.23 5.22 47.18
N ILE B 28 -23.70 4.10 47.68
CA ILE B 28 -22.27 3.85 47.57
C ILE B 28 -21.88 3.68 46.11
N GLU B 29 -22.67 2.90 45.35
CA GLU B 29 -22.39 2.71 43.94
C GLU B 29 -22.52 4.02 43.17
N GLU B 30 -23.54 4.83 43.50
CA GLU B 30 -23.71 6.12 42.87
C GLU B 30 -22.54 7.04 43.20
N GLN B 31 -22.17 7.13 44.48
CA GLN B 31 -21.03 7.96 44.87
C GLN B 31 -19.73 7.39 44.33
N GLY B 32 -19.63 6.06 44.25
CA GLY B 32 -18.45 5.45 43.67
C GLY B 32 -18.29 5.79 42.19
N LYS B 33 -19.41 5.90 41.48
CA LYS B 33 -19.37 6.32 40.08
C LYS B 33 -18.77 7.71 39.95
N LYS B 34 -19.22 8.66 40.77
CA LYS B 34 -18.71 10.02 40.72
C LYS B 34 -17.24 10.10 41.07
N LEU B 35 -16.74 9.13 41.86
CA LEU B 35 -15.35 9.20 42.34
C LEU B 35 -14.35 9.13 41.18
N SER B 36 -14.58 8.24 40.21
CA SER B 36 -13.72 8.17 39.03
C SER B 36 -14.21 9.17 37.98
N GLU B 37 -14.03 10.47 38.31
CA GLU B 37 -14.57 11.53 37.48
C GLU B 37 -13.91 11.58 36.12
N THR B 38 -12.58 11.46 36.07
CA THR B 38 -11.78 11.57 34.84
C THR B 38 -12.24 12.79 34.06
N ARG B 39 -12.59 12.66 32.78
CA ARG B 39 -13.09 13.73 31.91
C ARG B 39 -11.99 14.71 31.51
N THR B 40 -10.74 14.41 31.84
CA THR B 40 -9.63 15.31 31.53
C THR B 40 -9.29 15.29 30.05
N GLN B 41 -9.51 14.16 29.36
CA GLN B 41 -9.09 14.04 27.97
C GLN B 41 -9.76 15.09 27.08
N GLU B 42 -11.03 15.38 27.31
CA GLU B 42 -11.72 16.38 26.50
C GLU B 42 -11.12 17.77 26.69
N GLU B 43 -10.87 18.15 27.95
CA GLU B 43 -10.29 19.46 28.22
C GLU B 43 -8.84 19.57 27.75
N LEU B 44 -8.08 18.48 27.83
CA LEU B 44 -6.68 18.52 27.41
C LEU B 44 -6.55 18.86 25.93
N GLN B 45 -7.40 18.25 25.09
CA GLN B 45 -7.31 18.48 23.65
C GLN B 45 -7.57 19.94 23.31
N LYS B 46 -8.46 20.60 24.05
CA LYS B 46 -8.69 22.02 23.84
C LYS B 46 -7.48 22.86 24.24
N TYR B 47 -6.82 22.48 25.34
CA TYR B 47 -5.65 23.23 25.79
C TYR B 47 -4.51 23.12 24.80
N VAL B 48 -4.20 21.90 24.34
CA VAL B 48 -3.12 21.71 23.39
C VAL B 48 -3.41 22.44 22.09
N ALA B 49 -4.67 22.45 21.67
CA ALA B 49 -5.06 23.22 20.49
C ALA B 49 -4.86 24.72 20.71
N ALA B 50 -5.19 25.20 21.90
CA ALA B 50 -5.00 26.63 22.20
C ALA B 50 -3.53 27.01 22.12
N VAL B 51 -2.64 26.17 22.66
CA VAL B 51 -1.21 26.43 22.56
C VAL B 51 -0.75 26.38 21.11
N ALA B 52 -1.25 25.39 20.35
CA ALA B 52 -0.89 25.28 18.94
C ALA B 52 -1.33 26.51 18.15
N THR B 53 -2.52 27.03 18.45
CA THR B 53 -2.97 28.26 17.79
C THR B 53 -2.03 29.42 18.10
N PHE B 54 -1.72 29.61 19.39
CA PHE B 54 -0.76 30.63 19.78
C PHE B 54 0.58 30.41 19.09
N ALA B 55 1.05 29.16 19.08
CA ALA B 55 2.30 28.84 18.40
C ALA B 55 2.27 29.25 16.93
N LEU B 56 1.13 29.03 16.26
CA LEU B 56 1.01 29.38 14.85
C LEU B 56 1.05 30.89 14.65
N GLN B 57 0.27 31.62 15.46
CA GLN B 57 0.24 33.09 15.34
C GLN B 57 1.57 33.71 15.71
N ALA B 58 2.31 33.11 16.66
CA ALA B 58 3.63 33.60 16.99
C ALA B 58 4.64 33.33 15.88
N GLY B 59 4.33 32.44 14.95
CA GLY B 59 5.24 32.15 13.86
C GLY B 59 6.29 31.11 14.16
N PHE B 60 5.97 30.12 14.99
CA PHE B 60 6.93 29.08 15.32
C PHE B 60 7.33 28.26 14.10
N LEU B 61 6.43 28.12 13.13
CA LEU B 61 6.72 27.39 11.89
C LEU B 61 7.95 27.94 11.17
N ILE B 79 14.12 31.67 18.87
CA ILE B 79 12.72 31.54 18.48
C ILE B 79 12.44 30.10 18.11
N GLY B 80 13.24 29.57 17.19
CA GLY B 80 13.12 28.15 16.85
C GLY B 80 13.42 27.25 18.03
N LYS B 81 14.39 27.65 18.86
CA LYS B 81 14.72 26.88 20.05
C LYS B 81 13.59 26.90 21.07
N ILE B 82 12.96 28.07 21.26
CA ILE B 82 11.82 28.17 22.17
C ILE B 82 10.69 27.25 21.74
N SER B 83 10.41 27.20 20.43
CA SER B 83 9.34 26.36 19.92
C SER B 83 9.58 24.88 20.24
N GLY B 84 10.83 24.42 20.14
CA GLY B 84 11.11 23.03 20.43
C GLY B 84 10.89 22.66 21.88
N GLU B 85 11.21 23.58 22.80
CA GLU B 85 11.00 23.31 24.21
C GLU B 85 9.51 23.26 24.57
N VAL B 86 8.71 24.16 24.00
CA VAL B 86 7.28 24.16 24.28
C VAL B 86 6.66 22.82 23.90
N TYR B 87 7.00 22.30 22.73
CA TYR B 87 6.46 21.01 22.30
C TYR B 87 6.90 19.91 23.24
N LEU B 88 8.17 19.92 23.66
CA LEU B 88 8.64 18.93 24.62
C LEU B 88 7.87 19.02 25.93
N LYS B 89 7.56 20.24 26.37
CA LYS B 89 6.73 20.40 27.57
C LYS B 89 5.33 19.85 27.35
N LEU B 90 4.74 20.10 26.18
CA LEU B 90 3.39 19.62 25.89
C LEU B 90 3.31 18.10 25.94
N LEU B 91 4.36 17.41 25.49
CA LEU B 91 4.34 15.95 25.52
C LEU B 91 4.43 15.44 26.96
N ASP B 92 5.23 16.10 27.80
CA ASP B 92 5.28 15.74 29.21
C ASP B 92 3.95 16.04 29.89
N LEU B 93 3.32 17.17 29.54
CA LEU B 93 1.99 17.46 30.06
C LEU B 93 1.00 16.38 29.64
N LYS B 94 1.08 15.94 28.38
CA LYS B 94 0.21 14.87 27.92
C LYS B 94 0.47 13.59 28.70
N LYS B 95 1.74 13.29 28.97
CA LYS B 95 2.07 12.14 29.81
C LYS B 95 1.46 12.29 31.19
N ALA B 96 1.57 13.49 31.78
CA ALA B 96 1.00 13.74 33.10
C ALA B 96 -0.50 13.50 33.09
N VAL B 97 -1.20 13.99 32.06
CA VAL B 97 -2.64 13.77 31.95
C VAL B 97 -2.94 12.27 31.83
N ARG B 98 -2.19 11.56 30.99
CA ARG B 98 -2.39 10.12 30.88
C ARG B 98 -2.08 9.41 32.18
N ALA B 99 -1.07 9.90 32.91
CA ALA B 99 -0.76 9.35 34.23
C ALA B 99 -1.91 9.56 35.20
N LYS B 100 -2.46 10.78 35.22
CA LYS B 100 -3.61 11.07 36.07
C LYS B 100 -4.80 10.20 35.72
N GLU B 101 -5.00 9.94 34.43
CA GLU B 101 -6.08 9.08 33.99
C GLU B 101 -5.86 7.63 34.43
N LYS B 102 -4.60 7.18 34.45
CA LYS B 102 -4.31 5.81 34.87
C LYS B 102 -4.70 5.59 36.34
N LYS B 103 -4.33 6.52 37.21
CA LYS B 103 -4.71 6.40 38.62
C LYS B 103 -6.22 6.46 38.80
N GLY B 104 -6.91 7.26 37.98
CA GLY B 104 -8.36 7.26 38.04
C GLY B 104 -8.95 5.88 37.75
N LEU B 105 -8.32 5.14 36.83
CA LEU B 105 -8.78 3.78 36.56
C LEU B 105 -8.50 2.86 37.74
N ASP B 106 -7.35 3.03 38.39
CA ASP B 106 -7.05 2.24 39.59
C ASP B 106 -8.07 2.52 40.68
N ILE B 107 -8.52 3.77 40.78
CA ILE B 107 -9.60 4.12 41.70
C ILE B 107 -10.85 3.32 41.34
N LEU B 108 -11.19 3.29 40.05
CA LEU B 108 -12.36 2.57 39.61
C LEU B 108 -12.22 1.08 39.89
N ASN B 109 -11.00 0.56 39.78
CA ASN B 109 -10.76 -0.83 40.17
C ASN B 109 -11.00 -1.03 41.65
N MET B 110 -10.59 -0.05 42.47
CA MET B 110 -10.78 -0.16 43.91
C MET B 110 -12.26 -0.05 44.31
N VAL B 111 -13.01 0.85 43.67
CA VAL B 111 -14.43 0.96 44.03
C VAL B 111 -15.18 -0.32 43.67
N GLY B 112 -14.76 -1.00 42.59
CA GLY B 112 -15.36 -2.28 42.27
C GLY B 112 -15.09 -3.33 43.33
N GLU B 113 -13.84 -3.41 43.79
CA GLU B 113 -13.49 -4.40 44.81
C GLU B 113 -14.20 -4.13 46.12
N ILE B 114 -14.40 -2.85 46.47
CA ILE B 114 -15.15 -2.53 47.68
C ILE B 114 -16.58 -3.01 47.56
N LYS B 115 -17.21 -2.79 46.40
CA LYS B 115 -18.58 -3.27 46.19
C LYS B 115 -18.65 -4.78 46.32
N GLY B 116 -17.63 -5.49 45.86
CA GLY B 116 -17.59 -6.94 45.95
C GLY B 116 -17.65 -7.47 47.37
N THR B 117 -16.71 -7.04 48.23
CA THR B 117 -16.70 -7.52 49.60
C THR B 117 -17.91 -7.03 50.39
N LEU B 118 -18.41 -5.83 50.09
CA LEU B 118 -19.60 -5.35 50.78
C LEU B 118 -20.81 -6.21 50.44
N GLU B 119 -20.89 -6.71 49.20
CA GLU B 119 -21.99 -7.58 48.81
C GLU B 119 -21.91 -8.95 49.46
N ARG B 120 -20.72 -9.38 49.89
CA ARG B 120 -20.57 -10.73 50.42
C ARG B 120 -21.38 -10.94 51.68
N VAL B 121 -21.61 -9.89 52.48
CA VAL B 121 -22.37 -10.07 53.72
C VAL B 121 -23.85 -10.30 53.41
N TYR B 122 -24.36 -9.68 52.35
CA TYR B 122 -25.76 -9.86 52.00
C TYR B 122 -25.88 -10.65 50.69
N GLN C 16 -11.05 -39.99 84.12
CA GLN C 16 -10.62 -41.04 83.21
C GLN C 16 -11.53 -41.12 81.99
N ALA C 17 -12.84 -40.94 82.22
CA ALA C 17 -13.79 -40.93 81.12
C ALA C 17 -13.55 -39.74 80.20
N ARG C 18 -13.22 -38.58 80.77
CA ARG C 18 -12.97 -37.39 79.96
C ARG C 18 -11.68 -37.53 79.16
N GLU C 19 -10.70 -38.27 79.68
CA GLU C 19 -9.47 -38.50 78.92
C GLU C 19 -9.73 -39.41 77.73
N GLN C 20 -10.55 -40.44 77.90
CA GLN C 20 -10.92 -41.30 76.77
C GLN C 20 -11.74 -40.51 75.75
N LEU C 21 -12.63 -39.65 76.22
CA LEU C 21 -13.44 -38.82 75.32
C LEU C 21 -12.55 -38.02 74.38
N LYS C 22 -11.55 -37.31 74.92
CA LYS C 22 -10.66 -36.51 74.10
C LYS C 22 -9.87 -37.36 73.11
N GLU C 23 -9.50 -38.58 73.49
CA GLU C 23 -8.82 -39.48 72.56
C GLU C 23 -9.71 -39.81 71.37
N GLY C 24 -11.00 -40.08 71.62
CA GLY C 24 -11.93 -40.27 70.53
C GLY C 24 -12.14 -39.00 69.71
N MET C 25 -12.14 -37.85 70.39
CA MET C 25 -12.37 -36.58 69.70
C MET C 25 -11.28 -36.29 68.67
N ILE C 26 -10.02 -36.46 69.04
CA ILE C 26 -8.94 -36.18 68.09
C ILE C 26 -8.98 -37.13 66.91
N LYS C 27 -9.39 -38.38 67.12
CA LYS C 27 -9.57 -39.30 66.00
C LYS C 27 -10.71 -38.83 65.09
N ILE C 28 -11.76 -38.27 65.69
CA ILE C 28 -12.83 -37.65 64.90
C ILE C 28 -12.28 -36.46 64.12
N GLU C 29 -11.47 -35.64 64.77
CA GLU C 29 -10.88 -34.48 64.10
C GLU C 29 -9.97 -34.91 62.96
N GLU C 30 -9.20 -35.98 63.16
CA GLU C 30 -8.36 -36.51 62.09
C GLU C 30 -9.20 -37.05 60.95
N GLN C 31 -10.23 -37.84 61.26
CA GLN C 31 -11.09 -38.40 60.22
C GLN C 31 -11.88 -37.31 59.50
N GLY C 32 -12.26 -36.25 60.21
CA GLY C 32 -12.96 -35.15 59.56
C GLY C 32 -12.07 -34.44 58.55
N LYS C 33 -10.78 -34.31 58.85
CA LYS C 33 -9.84 -33.75 57.88
C LYS C 33 -9.79 -34.59 56.61
N LYS C 34 -9.67 -35.91 56.77
CA LYS C 34 -9.63 -36.79 55.61
C LYS C 34 -10.94 -36.72 54.83
N LEU C 35 -12.04 -36.37 55.52
CA LEU C 35 -13.34 -36.30 54.85
C LEU C 35 -13.35 -35.19 53.80
N SER C 36 -12.75 -34.04 54.12
CA SER C 36 -12.63 -32.95 53.16
C SER C 36 -11.38 -33.19 52.30
N GLU C 37 -11.48 -34.23 51.48
CA GLU C 37 -10.33 -34.69 50.69
C GLU C 37 -9.93 -33.65 49.65
N THR C 38 -10.92 -33.02 49.00
CA THR C 38 -10.76 -32.05 47.91
C THR C 38 -9.70 -32.52 46.91
N ARG C 39 -8.74 -31.65 46.59
CA ARG C 39 -7.63 -31.93 45.67
C ARG C 39 -8.08 -32.03 44.22
N THR C 40 -9.34 -31.69 43.93
CA THR C 40 -9.84 -31.80 42.57
C THR C 40 -9.25 -30.72 41.67
N GLN C 41 -8.95 -29.53 42.23
CA GLN C 41 -8.44 -28.43 41.44
C GLN C 41 -7.10 -28.78 40.79
N GLU C 42 -6.22 -29.46 41.53
CA GLU C 42 -4.91 -29.82 40.98
C GLU C 42 -5.05 -30.81 39.83
N GLU C 43 -5.91 -31.82 40.00
CA GLU C 43 -6.11 -32.80 38.93
C GLU C 43 -6.80 -32.17 37.72
N LEU C 44 -7.66 -31.18 37.95
CA LEU C 44 -8.38 -30.55 36.85
C LEU C 44 -7.44 -29.88 35.86
N GLN C 45 -6.45 -29.13 36.35
CA GLN C 45 -5.56 -28.41 35.46
C GLN C 45 -4.71 -29.37 34.61
N LYS C 46 -4.33 -30.51 35.18
CA LYS C 46 -3.57 -31.49 34.40
C LYS C 46 -4.43 -32.10 33.30
N TYR C 47 -5.71 -32.36 33.58
CA TYR C 47 -6.59 -32.93 32.57
C TYR C 47 -6.82 -31.95 31.42
N VAL C 48 -7.12 -30.69 31.74
CA VAL C 48 -7.37 -29.70 30.69
C VAL C 48 -6.13 -29.51 29.84
N ALA C 49 -4.95 -29.52 30.47
CA ALA C 49 -3.71 -29.42 29.72
C ALA C 49 -3.53 -30.61 28.78
N ALA C 50 -3.86 -31.82 29.26
CA ALA C 50 -3.77 -33.00 28.42
C ALA C 50 -4.73 -32.93 27.25
N VAL C 51 -5.96 -32.47 27.49
CA VAL C 51 -6.94 -32.34 26.42
C VAL C 51 -6.49 -31.30 25.40
N ALA C 52 -5.96 -30.17 25.89
CA ALA C 52 -5.48 -29.13 24.98
C ALA C 52 -4.33 -29.64 24.11
N THR C 53 -3.43 -30.42 24.69
CA THR C 53 -2.32 -30.99 23.91
C THR C 53 -2.82 -31.89 22.79
N PHE C 54 -3.71 -32.83 23.12
CA PHE C 54 -4.31 -33.69 22.09
C PHE C 54 -5.03 -32.85 21.06
N ALA C 55 -5.83 -31.88 21.51
CA ALA C 55 -6.49 -30.95 20.59
C ALA C 55 -5.47 -30.25 19.70
N LEU C 56 -4.34 -29.87 20.28
CA LEU C 56 -3.32 -29.15 19.53
C LEU C 56 -2.70 -30.05 18.45
N GLN C 57 -2.36 -31.29 18.81
CA GLN C 57 -1.80 -32.22 17.83
C GLN C 57 -2.80 -32.56 16.74
N ALA C 58 -4.10 -32.60 17.08
CA ALA C 58 -5.13 -32.86 16.07
C ALA C 58 -5.27 -31.69 15.09
N GLY C 59 -4.74 -30.52 15.41
CA GLY C 59 -4.83 -29.40 14.50
C GLY C 59 -6.08 -28.57 14.63
N PHE C 60 -6.64 -28.44 15.84
CA PHE C 60 -7.86 -27.67 16.02
C PHE C 60 -7.67 -26.20 15.64
N LEU C 61 -6.46 -25.67 15.80
CA LEU C 61 -6.16 -24.29 15.43
C LEU C 61 -6.48 -24.00 13.96
N ILE C 79 -15.11 -29.98 11.44
CA ILE C 79 -13.86 -30.13 12.18
C ILE C 79 -13.68 -28.95 13.12
N GLY C 80 -13.80 -27.74 12.58
CA GLY C 80 -13.74 -26.54 13.40
C GLY C 80 -14.87 -26.50 14.42
N LYS C 81 -16.04 -27.01 14.05
CA LYS C 81 -17.16 -27.09 14.99
C LYS C 81 -16.85 -28.06 16.12
N ILE C 82 -16.19 -29.19 15.80
CA ILE C 82 -15.81 -30.16 16.81
C ILE C 82 -14.92 -29.52 17.87
N SER C 83 -13.95 -28.71 17.43
CA SER C 83 -13.07 -28.04 18.38
C SER C 83 -13.84 -27.13 19.33
N GLY C 84 -14.84 -26.42 18.81
CA GLY C 84 -15.62 -25.53 19.66
C GLY C 84 -16.44 -26.28 20.68
N GLU C 85 -16.97 -27.45 20.31
CA GLU C 85 -17.77 -28.23 21.25
C GLU C 85 -16.92 -28.76 22.39
N VAL C 86 -15.71 -29.26 22.08
CA VAL C 86 -14.83 -29.77 23.12
C VAL C 86 -14.55 -28.69 24.16
N TYR C 87 -14.23 -27.47 23.71
CA TYR C 87 -13.94 -26.39 24.64
C TYR C 87 -15.17 -26.04 25.48
N LEU C 88 -16.36 -25.98 24.85
CA LEU C 88 -17.58 -25.67 25.60
C LEU C 88 -17.84 -26.73 26.66
N LYS C 89 -17.60 -28.00 26.34
CA LYS C 89 -17.72 -29.05 27.35
C LYS C 89 -16.69 -28.87 28.45
N LEU C 90 -15.45 -28.49 28.09
CA LEU C 90 -14.42 -28.28 29.08
C LEU C 90 -14.81 -27.18 30.06
N LEU C 91 -15.50 -26.14 29.57
CA LEU C 91 -15.92 -25.07 30.46
C LEU C 91 -17.03 -25.53 31.40
N ASP C 92 -17.95 -26.36 30.90
CA ASP C 92 -18.97 -26.92 31.78
C ASP C 92 -18.35 -27.86 32.80
N LEU C 93 -17.37 -28.65 32.38
CA LEU C 93 -16.64 -29.52 33.31
C LEU C 93 -15.95 -28.70 34.40
N LYS C 94 -15.33 -27.57 34.01
CA LYS C 94 -14.66 -26.71 34.98
C LYS C 94 -15.64 -26.19 36.02
N LYS C 95 -16.86 -25.81 35.60
CA LYS C 95 -17.88 -25.36 36.55
C LYS C 95 -18.23 -26.45 37.56
N ALA C 96 -18.41 -27.68 37.09
CA ALA C 96 -18.72 -28.78 38.01
C ALA C 96 -17.63 -28.96 39.06
N VAL C 97 -16.37 -28.88 38.63
CA VAL C 97 -15.27 -28.97 39.58
C VAL C 97 -15.35 -27.83 40.58
N ARG C 98 -15.64 -26.61 40.12
CA ARG C 98 -15.83 -25.50 41.04
C ARG C 98 -17.05 -25.72 41.91
N ALA C 99 -18.11 -26.30 41.34
CA ALA C 99 -19.28 -26.66 42.13
C ALA C 99 -18.95 -27.71 43.18
N LYS C 100 -18.23 -28.76 42.77
CA LYS C 100 -17.82 -29.81 43.69
C LYS C 100 -16.95 -29.25 44.81
N GLU C 101 -16.08 -28.29 44.49
CA GLU C 101 -15.26 -27.66 45.51
C GLU C 101 -16.12 -26.87 46.50
N LYS C 102 -17.20 -26.25 46.03
CA LYS C 102 -18.09 -25.52 46.91
C LYS C 102 -18.72 -26.45 47.95
N LYS C 103 -19.21 -27.61 47.49
CA LYS C 103 -19.73 -28.59 48.44
C LYS C 103 -18.64 -29.08 49.37
N GLY C 104 -17.42 -29.25 48.86
CA GLY C 104 -16.32 -29.65 49.71
C GLY C 104 -16.05 -28.68 50.83
N LEU C 105 -16.17 -27.38 50.54
CA LEU C 105 -16.01 -26.38 51.59
C LEU C 105 -17.17 -26.43 52.57
N ASP C 106 -18.38 -26.67 52.08
CA ASP C 106 -19.54 -26.79 52.94
C ASP C 106 -19.39 -27.97 53.90
N ILE C 107 -18.81 -29.07 53.42
CA ILE C 107 -18.56 -30.23 54.27
C ILE C 107 -17.64 -29.87 55.43
N LEU C 108 -16.52 -29.20 55.13
CA LEU C 108 -15.55 -28.89 56.17
C LEU C 108 -16.12 -27.96 57.23
N ASN C 109 -16.99 -27.03 56.82
CA ASN C 109 -17.66 -26.17 57.79
C ASN C 109 -18.56 -27.01 58.71
N MET C 110 -19.23 -28.01 58.15
CA MET C 110 -20.13 -28.84 58.95
C MET C 110 -19.37 -29.69 59.96
N VAL C 111 -18.19 -30.20 59.59
CA VAL C 111 -17.40 -31.01 60.51
C VAL C 111 -16.94 -30.17 61.69
N GLY C 112 -16.65 -28.89 61.45
CA GLY C 112 -16.32 -28.00 62.55
C GLY C 112 -17.49 -27.77 63.49
N GLU C 113 -18.68 -27.57 62.93
CA GLU C 113 -19.86 -27.33 63.76
C GLU C 113 -20.22 -28.54 64.60
N ILE C 114 -19.98 -29.74 64.08
CA ILE C 114 -20.23 -30.96 64.86
C ILE C 114 -19.28 -31.01 66.06
N LYS C 115 -18.01 -30.72 65.84
CA LYS C 115 -17.04 -30.70 66.94
C LYS C 115 -17.41 -29.67 67.99
N GLY C 116 -17.95 -28.53 67.56
CA GLY C 116 -18.33 -27.49 68.52
C GLY C 116 -19.32 -27.99 69.55
N THR C 117 -20.45 -28.54 69.08
CA THR C 117 -21.46 -29.05 70.00
C THR C 117 -20.95 -30.26 70.79
N LEU C 118 -20.09 -31.08 70.16
CA LEU C 118 -19.53 -32.25 70.85
C LEU C 118 -18.63 -31.84 72.01
N GLU C 119 -17.91 -30.73 71.87
CA GLU C 119 -17.02 -30.29 72.95
C GLU C 119 -17.81 -29.81 74.16
N ARG C 120 -19.01 -29.28 73.96
CA ARG C 120 -19.87 -28.84 75.06
C ARG C 120 -20.32 -30.01 75.91
N GLU D 19 -2.85 30.53 -59.78
CA GLU D 19 -2.38 30.09 -58.47
C GLU D 19 -3.14 28.85 -58.00
N GLN D 20 -3.22 27.85 -58.89
CA GLN D 20 -3.85 26.57 -58.57
C GLN D 20 -3.09 25.78 -57.50
N LEU D 21 -1.77 25.96 -57.42
CA LEU D 21 -0.92 25.10 -56.58
C LEU D 21 -1.47 24.91 -55.17
N LYS D 22 -1.77 26.02 -54.46
CA LYS D 22 -2.29 25.88 -53.10
C LYS D 22 -3.60 25.11 -53.08
N GLU D 23 -4.44 25.33 -54.09
CA GLU D 23 -5.66 24.55 -54.24
C GLU D 23 -5.34 23.09 -54.52
N GLY D 24 -4.34 22.85 -55.38
CA GLY D 24 -3.85 21.50 -55.58
C GLY D 24 -3.14 20.94 -54.37
N MET D 25 -2.41 21.79 -53.65
CA MET D 25 -1.68 21.34 -52.47
C MET D 25 -2.62 20.79 -51.40
N ILE D 26 -3.66 21.55 -51.08
CA ILE D 26 -4.60 21.10 -50.05
C ILE D 26 -5.29 19.82 -50.48
N LYS D 27 -5.45 19.61 -51.79
CA LYS D 27 -6.00 18.35 -52.28
C LYS D 27 -5.11 17.17 -51.90
N ILE D 28 -3.79 17.38 -51.92
CA ILE D 28 -2.87 16.35 -51.44
C ILE D 28 -3.09 16.09 -49.96
N GLU D 29 -3.21 17.16 -49.18
CA GLU D 29 -3.43 17.03 -47.74
C GLU D 29 -4.79 16.37 -47.46
N GLU D 30 -5.82 16.71 -48.23
CA GLU D 30 -7.10 16.06 -48.08
C GLU D 30 -7.01 14.58 -48.44
N GLN D 31 -6.40 14.27 -49.58
CA GLN D 31 -6.24 12.88 -49.98
C GLN D 31 -5.27 12.13 -49.08
N GLY D 32 -4.23 12.81 -48.59
CA GLY D 32 -3.30 12.16 -47.68
C GLY D 32 -3.95 11.78 -46.37
N LYS D 33 -4.85 12.63 -45.87
CA LYS D 33 -5.61 12.29 -44.66
C LYS D 33 -6.46 11.04 -44.88
N LYS D 34 -7.19 11.00 -46.00
CA LYS D 34 -8.02 9.84 -46.31
C LYS D 34 -7.18 8.58 -46.50
N LEU D 35 -5.92 8.74 -46.90
CA LEU D 35 -5.07 7.58 -47.14
C LEU D 35 -4.81 6.83 -45.84
N SER D 36 -4.59 7.57 -44.74
CA SER D 36 -4.45 6.96 -43.41
C SER D 36 -5.86 6.78 -42.84
N GLU D 37 -6.61 5.87 -43.47
CA GLU D 37 -8.02 5.68 -43.13
C GLU D 37 -8.19 5.14 -41.73
N THR D 38 -7.35 4.16 -41.34
CA THR D 38 -7.41 3.44 -40.07
C THR D 38 -8.85 3.12 -39.70
N ARG D 39 -9.27 3.44 -38.47
CA ARG D 39 -10.62 3.25 -37.96
C ARG D 39 -10.97 1.79 -37.76
N THR D 40 -9.99 0.89 -37.89
CA THR D 40 -10.26 -0.53 -37.75
C THR D 40 -10.48 -0.93 -36.29
N GLN D 41 -9.87 -0.22 -35.34
CA GLN D 41 -10.01 -0.59 -33.94
C GLN D 41 -11.46 -0.49 -33.48
N GLU D 42 -12.18 0.54 -33.92
CA GLU D 42 -13.59 0.68 -33.55
C GLU D 42 -14.42 -0.44 -34.13
N GLU D 43 -14.18 -0.79 -35.40
CA GLU D 43 -14.93 -1.88 -36.03
C GLU D 43 -14.58 -3.23 -35.41
N LEU D 44 -13.33 -3.40 -34.97
CA LEU D 44 -12.92 -4.66 -34.37
C LEU D 44 -13.71 -4.93 -33.08
N GLN D 45 -13.89 -3.91 -32.25
CA GLN D 45 -14.61 -4.11 -30.99
C GLN D 45 -16.06 -4.51 -31.24
N LYS D 46 -16.67 -4.00 -32.31
CA LYS D 46 -18.03 -4.41 -32.63
C LYS D 46 -18.07 -5.87 -33.06
N TYR D 47 -17.07 -6.32 -33.82
CA TYR D 47 -17.01 -7.71 -34.25
C TYR D 47 -16.79 -8.64 -33.06
N VAL D 48 -15.81 -8.31 -32.20
CA VAL D 48 -15.53 -9.16 -31.05
C VAL D 48 -16.73 -9.22 -30.13
N ALA D 49 -17.45 -8.10 -29.99
CA ALA D 49 -18.66 -8.11 -29.18
C ALA D 49 -19.71 -9.02 -29.80
N ALA D 50 -19.86 -8.98 -31.12
CA ALA D 50 -20.83 -9.84 -31.79
C ALA D 50 -20.47 -11.31 -31.61
N VAL D 51 -19.19 -11.65 -31.77
CA VAL D 51 -18.77 -13.04 -31.59
C VAL D 51 -18.95 -13.47 -30.14
N ALA D 52 -18.58 -12.61 -29.19
CA ALA D 52 -18.76 -12.95 -27.78
C ALA D 52 -20.23 -13.13 -27.44
N THR D 53 -21.10 -12.27 -27.98
CA THR D 53 -22.53 -12.41 -27.74
C THR D 53 -23.06 -13.73 -28.28
N PHE D 54 -22.74 -14.03 -29.55
CA PHE D 54 -23.13 -15.32 -30.12
C PHE D 54 -22.57 -16.47 -29.30
N ALA D 55 -21.29 -16.39 -28.93
CA ALA D 55 -20.69 -17.41 -28.09
C ALA D 55 -21.48 -17.62 -26.81
N LEU D 56 -21.95 -16.53 -26.20
CA LEU D 56 -22.72 -16.64 -24.97
C LEU D 56 -24.08 -17.26 -25.23
N GLN D 57 -24.78 -16.80 -26.28
CA GLN D 57 -26.08 -17.36 -26.62
C GLN D 57 -25.97 -18.80 -27.09
N ALA D 58 -24.86 -19.16 -27.76
CA ALA D 58 -24.64 -20.54 -28.15
C ALA D 58 -24.37 -21.45 -26.95
N GLY D 59 -24.06 -20.86 -25.80
CA GLY D 59 -23.81 -21.63 -24.59
C GLY D 59 -22.38 -22.08 -24.41
N PHE D 60 -21.42 -21.31 -24.92
CA PHE D 60 -20.02 -21.66 -24.74
C PHE D 60 -19.60 -21.62 -23.28
N LEU D 61 -20.25 -20.76 -22.49
CA LEU D 61 -19.96 -20.63 -21.06
C LEU D 61 -20.06 -21.95 -20.30
N ILE D 79 -17.65 -29.08 -27.32
CA ILE D 79 -18.25 -27.76 -27.23
C ILE D 79 -17.29 -26.80 -26.52
N GLY D 80 -16.83 -27.19 -25.33
CA GLY D 80 -15.85 -26.38 -24.63
C GLY D 80 -14.55 -26.24 -25.41
N LYS D 81 -14.15 -27.31 -26.11
CA LYS D 81 -12.95 -27.23 -26.93
C LYS D 81 -13.16 -26.28 -28.10
N ILE D 82 -14.34 -26.31 -28.71
CA ILE D 82 -14.67 -25.38 -29.79
C ILE D 82 -14.60 -23.95 -29.28
N SER D 83 -15.14 -23.70 -28.08
CA SER D 83 -15.08 -22.36 -27.49
C SER D 83 -13.64 -21.92 -27.26
N GLY D 84 -12.78 -22.83 -26.80
CA GLY D 84 -11.39 -22.48 -26.55
C GLY D 84 -10.64 -22.12 -27.82
N GLU D 85 -10.96 -22.81 -28.93
CA GLU D 85 -10.31 -22.50 -30.19
C GLU D 85 -10.72 -21.13 -30.71
N VAL D 86 -12.01 -20.80 -30.60
CA VAL D 86 -12.50 -19.50 -31.06
C VAL D 86 -11.74 -18.36 -30.38
N TYR D 87 -11.55 -18.47 -29.06
CA TYR D 87 -10.89 -17.40 -28.33
C TYR D 87 -9.45 -17.22 -28.80
N LEU D 88 -8.72 -18.34 -29.01
CA LEU D 88 -7.36 -18.24 -29.50
C LEU D 88 -7.30 -17.55 -30.86
N LYS D 89 -8.25 -17.85 -31.74
CA LYS D 89 -8.32 -17.16 -33.02
C LYS D 89 -8.60 -15.67 -32.82
N LEU D 90 -9.46 -15.33 -31.87
CA LEU D 90 -9.79 -13.93 -31.63
C LEU D 90 -8.57 -13.14 -31.24
N LEU D 91 -7.65 -13.74 -30.48
CA LEU D 91 -6.42 -13.05 -30.12
C LEU D 91 -5.48 -12.94 -31.32
N ASP D 92 -5.46 -13.97 -32.17
CA ASP D 92 -4.68 -13.87 -33.40
C ASP D 92 -5.24 -12.78 -34.31
N LEU D 93 -6.58 -12.70 -34.39
CA LEU D 93 -7.20 -11.63 -35.16
C LEU D 93 -6.86 -10.26 -34.58
N LYS D 94 -6.91 -10.11 -33.26
CA LYS D 94 -6.55 -8.83 -32.65
C LYS D 94 -5.11 -8.46 -32.95
N LYS D 95 -4.19 -9.43 -32.89
CA LYS D 95 -2.82 -9.16 -33.30
C LYS D 95 -2.76 -8.72 -34.76
N ALA D 96 -3.49 -9.43 -35.63
CA ALA D 96 -3.53 -9.07 -37.05
C ALA D 96 -4.06 -7.65 -37.25
N VAL D 97 -5.14 -7.29 -36.54
CA VAL D 97 -5.68 -5.94 -36.65
C VAL D 97 -4.64 -4.91 -36.22
N ARG D 98 -3.94 -5.19 -35.11
CA ARG D 98 -2.88 -4.29 -34.68
C ARG D 98 -1.75 -4.24 -35.69
N ALA D 99 -1.48 -5.33 -36.39
CA ALA D 99 -0.45 -5.31 -37.43
C ALA D 99 -0.83 -4.34 -38.54
N LYS D 100 -2.07 -4.40 -39.02
CA LYS D 100 -2.50 -3.47 -40.05
C LYS D 100 -2.44 -2.03 -39.54
N GLU D 101 -2.75 -1.82 -38.25
CA GLU D 101 -2.66 -0.47 -37.69
C GLU D 101 -1.23 0.03 -37.70
N LYS D 102 -0.26 -0.85 -37.45
CA LYS D 102 1.14 -0.46 -37.53
C LYS D 102 1.51 -0.03 -38.94
N LYS D 103 1.08 -0.83 -39.94
CA LYS D 103 1.33 -0.46 -41.33
C LYS D 103 0.66 0.85 -41.69
N GLY D 104 -0.56 1.08 -41.14
CA GLY D 104 -1.24 2.34 -41.36
C GLY D 104 -0.46 3.53 -40.83
N LEU D 105 0.23 3.36 -39.70
CA LEU D 105 1.03 4.45 -39.15
C LEU D 105 2.23 4.76 -40.05
N ASP D 106 2.85 3.73 -40.61
CA ASP D 106 3.96 3.95 -41.53
C ASP D 106 3.51 4.71 -42.76
N ILE D 107 2.27 4.48 -43.21
CA ILE D 107 1.73 5.20 -44.36
C ILE D 107 1.70 6.70 -44.08
N LEU D 108 1.08 7.10 -42.96
CA LEU D 108 0.94 8.52 -42.67
C LEU D 108 2.29 9.19 -42.41
N ASN D 109 3.25 8.46 -41.82
CA ASN D 109 4.58 9.04 -41.67
C ASN D 109 5.21 9.34 -43.03
N MET D 110 4.99 8.45 -44.01
CA MET D 110 5.50 8.70 -45.35
C MET D 110 4.73 9.84 -46.02
N VAL D 111 3.42 9.92 -45.78
CA VAL D 111 2.63 11.03 -46.32
C VAL D 111 3.08 12.34 -45.70
N GLY D 112 3.47 12.31 -44.43
CA GLY D 112 4.03 13.50 -43.81
C GLY D 112 5.35 13.92 -44.44
N GLU D 113 6.23 12.95 -44.68
CA GLU D 113 7.52 13.26 -45.29
C GLU D 113 7.36 13.72 -46.74
N ILE D 114 6.36 13.19 -47.46
CA ILE D 114 6.10 13.66 -48.81
C ILE D 114 5.68 15.13 -48.78
N LYS D 115 4.80 15.48 -47.83
CA LYS D 115 4.40 16.88 -47.68
C LYS D 115 5.59 17.76 -47.37
N GLY D 116 6.55 17.24 -46.60
CA GLY D 116 7.75 18.02 -46.29
C GLY D 116 8.52 18.43 -47.53
N THR D 117 8.88 17.45 -48.36
CA THR D 117 9.64 17.76 -49.57
C THR D 117 8.83 18.63 -50.53
N LEU D 118 7.52 18.41 -50.58
CA LEU D 118 6.67 19.25 -51.44
C LEU D 118 6.58 20.66 -50.90
N GLU D 119 6.56 20.82 -49.57
CA GLU D 119 6.48 22.15 -48.96
C GLU D 119 7.78 22.93 -49.11
N ARG D 120 8.92 22.24 -49.16
CA ARG D 120 10.19 22.93 -49.34
C ARG D 120 10.20 23.72 -50.65
N VAL D 121 9.56 23.18 -51.69
CA VAL D 121 9.46 23.92 -52.94
C VAL D 121 8.51 25.10 -52.80
N TYR D 122 7.40 24.91 -52.07
CA TYR D 122 6.40 25.96 -51.90
C TYR D 122 6.98 27.22 -51.24
N GLU E 19 48.41 19.06 -71.59
CA GLU E 19 48.01 18.20 -70.47
C GLU E 19 48.38 18.82 -69.13
N GLN E 20 49.04 19.98 -69.18
CA GLN E 20 49.33 20.72 -67.96
C GLN E 20 48.04 21.21 -67.30
N LEU E 21 47.06 21.60 -68.12
CA LEU E 21 45.76 22.04 -67.60
C LEU E 21 45.17 21.00 -66.65
N LYS E 22 45.19 19.73 -67.07
CA LYS E 22 44.68 18.66 -66.22
C LYS E 22 45.41 18.61 -64.89
N GLU E 23 46.71 18.90 -64.88
CA GLU E 23 47.45 18.97 -63.63
C GLU E 23 46.93 20.09 -62.75
N GLY E 24 46.61 21.25 -63.35
CA GLY E 24 45.98 22.31 -62.60
C GLY E 24 44.59 21.93 -62.11
N MET E 25 43.86 21.16 -62.92
CA MET E 25 42.52 20.73 -62.52
C MET E 25 42.58 19.90 -61.25
N ILE E 26 43.51 18.94 -61.19
CA ILE E 26 43.67 18.12 -59.99
C ILE E 26 44.09 18.99 -58.82
N LYS E 27 44.87 20.04 -59.07
CA LYS E 27 45.21 20.99 -58.01
C LYS E 27 43.97 21.73 -57.53
N ILE E 28 43.07 22.08 -58.45
CA ILE E 28 41.79 22.67 -58.07
C ILE E 28 40.95 21.65 -57.31
N GLU E 29 40.86 20.42 -57.82
CA GLU E 29 40.05 19.40 -57.17
C GLU E 29 40.59 19.05 -55.79
N GLU E 30 41.92 18.97 -55.66
CA GLU E 30 42.51 18.71 -54.35
C GLU E 30 42.22 19.85 -53.38
N GLN E 31 42.43 21.09 -53.83
CA GLN E 31 42.18 22.24 -52.97
C GLN E 31 40.69 22.44 -52.69
N GLY E 32 39.83 22.08 -53.64
CA GLY E 32 38.40 22.22 -53.41
C GLY E 32 37.87 21.32 -52.31
N LYS E 33 38.42 20.11 -52.21
CA LYS E 33 38.02 19.20 -51.13
C LYS E 33 38.38 19.79 -49.76
N LYS E 34 39.60 20.31 -49.63
CA LYS E 34 40.04 20.90 -48.36
C LYS E 34 39.19 22.09 -47.96
N LEU E 35 38.58 22.79 -48.93
CA LEU E 35 37.81 23.99 -48.62
C LEU E 35 36.59 23.68 -47.76
N SER E 36 35.88 22.60 -48.07
CA SER E 36 34.71 22.18 -47.28
C SER E 36 35.16 21.31 -46.10
N GLU E 37 35.83 21.97 -45.14
CA GLU E 37 36.42 21.26 -44.01
C GLU E 37 35.35 20.65 -43.10
N THR E 38 34.30 21.43 -42.78
CA THR E 38 33.21 21.05 -41.85
C THR E 38 33.83 20.42 -40.60
N ARG E 39 33.42 19.22 -40.18
CA ARG E 39 33.93 18.47 -39.04
C ARG E 39 33.49 19.05 -37.69
N THR E 40 32.55 20.00 -37.68
CA THR E 40 32.13 20.60 -36.42
C THR E 40 31.28 19.66 -35.58
N GLN E 41 30.53 18.75 -36.22
CA GLN E 41 29.64 17.86 -35.47
C GLN E 41 30.44 16.99 -34.49
N GLU E 42 31.59 16.48 -34.93
CA GLU E 42 32.41 15.67 -34.04
C GLU E 42 32.93 16.48 -32.87
N GLU E 43 33.41 17.70 -33.13
CA GLU E 43 33.90 18.56 -32.06
C GLU E 43 32.75 19.08 -31.21
N LEU E 44 31.61 19.37 -31.82
CA LEU E 44 30.47 19.89 -31.05
C LEU E 44 29.98 18.86 -30.03
N GLN E 45 29.84 17.60 -30.45
CA GLN E 45 29.37 16.57 -29.53
C GLN E 45 30.34 16.38 -28.39
N LYS E 46 31.64 16.52 -28.66
CA LYS E 46 32.64 16.45 -27.61
C LYS E 46 32.53 17.65 -26.66
N TYR E 47 32.26 18.84 -27.21
CA TYR E 47 32.11 20.02 -26.36
C TYR E 47 30.87 19.93 -25.48
N VAL E 48 29.73 19.59 -26.08
CA VAL E 48 28.48 19.53 -25.31
C VAL E 48 28.58 18.50 -24.20
N ALA E 49 29.29 17.39 -24.47
CA ALA E 49 29.52 16.41 -23.42
C ALA E 49 30.32 17.01 -22.27
N ALA E 50 31.32 17.83 -22.59
CA ALA E 50 32.13 18.46 -21.55
C ALA E 50 31.29 19.41 -20.69
N VAL E 51 30.43 20.20 -21.33
CA VAL E 51 29.58 21.11 -20.56
C VAL E 51 28.60 20.32 -19.70
N ALA E 52 28.01 19.26 -20.26
CA ALA E 52 27.10 18.42 -19.49
C ALA E 52 27.81 17.77 -18.32
N THR E 53 29.04 17.31 -18.53
CA THR E 53 29.81 16.71 -17.45
C THR E 53 30.01 17.70 -16.31
N PHE E 54 30.52 18.90 -16.62
CA PHE E 54 30.66 19.94 -15.60
C PHE E 54 29.31 20.25 -14.97
N ALA E 55 28.28 20.43 -15.79
CA ALA E 55 26.93 20.64 -15.27
C ALA E 55 26.52 19.51 -14.34
N LEU E 56 26.87 18.28 -14.70
CA LEU E 56 26.50 17.12 -13.89
C LEU E 56 27.23 17.13 -12.56
N GLN E 57 28.54 17.39 -12.58
CA GLN E 57 29.31 17.42 -11.34
C GLN E 57 28.87 18.56 -10.42
N ALA E 58 28.42 19.67 -10.99
CA ALA E 58 27.89 20.77 -10.19
C ALA E 58 26.56 20.41 -9.54
N GLY E 59 25.89 19.37 -10.00
CA GLY E 59 24.62 18.97 -9.42
C GLY E 59 23.40 19.65 -9.98
N PHE E 60 23.39 19.97 -11.28
CA PHE E 60 22.24 20.63 -11.88
C PHE E 60 20.98 19.76 -11.82
N LEU E 61 21.15 18.44 -11.79
CA LEU E 61 20.01 17.53 -11.73
C LEU E 61 19.09 17.83 -10.54
N ILE E 79 19.82 29.07 -8.93
CA ILE E 79 20.68 27.93 -9.15
C ILE E 79 20.06 27.01 -10.18
N GLY E 80 18.81 26.62 -9.94
CA GLY E 80 18.08 25.84 -10.93
C GLY E 80 17.81 26.60 -12.21
N LYS E 81 17.57 27.92 -12.10
CA LYS E 81 17.31 28.74 -13.28
C LYS E 81 18.54 28.86 -14.18
N ILE E 82 19.72 29.06 -13.60
CA ILE E 82 20.93 29.18 -14.42
C ILE E 82 21.15 27.90 -15.23
N SER E 83 20.89 26.74 -14.63
CA SER E 83 21.02 25.48 -15.36
C SER E 83 20.13 25.47 -16.60
N GLY E 84 18.91 26.01 -16.46
CA GLY E 84 18.04 26.11 -17.61
C GLY E 84 18.57 27.09 -18.64
N GLU E 85 19.22 28.16 -18.17
CA GLU E 85 19.79 29.14 -19.09
C GLU E 85 20.96 28.53 -19.87
N VAL E 86 21.81 27.75 -19.19
CA VAL E 86 22.91 27.08 -19.87
C VAL E 86 22.40 26.20 -20.99
N TYR E 87 21.35 25.41 -20.70
CA TYR E 87 20.79 24.53 -21.72
C TYR E 87 20.21 25.32 -22.88
N LEU E 88 19.51 26.41 -22.59
CA LEU E 88 18.97 27.25 -23.66
C LEU E 88 20.07 27.82 -24.54
N LYS E 89 21.19 28.22 -23.93
CA LYS E 89 22.33 28.68 -24.71
C LYS E 89 22.92 27.56 -25.55
N LEU E 90 23.00 26.35 -24.99
CA LEU E 90 23.53 25.21 -25.74
C LEU E 90 22.70 24.90 -26.97
N LEU E 91 21.38 25.09 -26.89
CA LEU E 91 20.53 24.82 -28.05
C LEU E 91 20.74 25.85 -29.14
N ASP E 92 20.95 27.11 -28.76
CA ASP E 92 21.30 28.13 -29.74
C ASP E 92 22.66 27.85 -30.36
N LEU E 93 23.62 27.41 -29.54
CA LEU E 93 24.92 27.02 -30.07
C LEU E 93 24.79 25.88 -31.07
N LYS E 94 23.99 24.87 -30.74
CA LYS E 94 23.78 23.77 -31.67
C LYS E 94 23.13 24.25 -32.97
N LYS E 95 22.17 25.17 -32.85
CA LYS E 95 21.55 25.75 -34.04
C LYS E 95 22.59 26.47 -34.91
N ALA E 96 23.46 27.27 -34.28
CA ALA E 96 24.49 27.98 -35.03
C ALA E 96 25.41 27.02 -35.77
N VAL E 97 25.83 25.95 -35.10
CA VAL E 97 26.70 24.96 -35.74
C VAL E 97 26.01 24.36 -36.96
N ARG E 98 24.72 24.04 -36.85
CA ARG E 98 23.99 23.50 -37.98
C ARG E 98 23.92 24.51 -39.12
N ALA E 99 23.80 25.79 -38.80
CA ALA E 99 23.82 26.83 -39.82
C ALA E 99 25.17 26.87 -40.54
N LYS E 100 26.27 26.84 -39.77
CA LYS E 100 27.60 26.88 -40.36
C LYS E 100 27.84 25.69 -41.29
N GLU E 101 27.39 24.51 -40.89
CA GLU E 101 27.55 23.34 -41.75
C GLU E 101 26.71 23.44 -43.01
N LYS E 102 25.52 24.05 -42.91
CA LYS E 102 24.69 24.22 -44.10
C LYS E 102 25.40 25.09 -45.14
N LYS E 103 25.97 26.21 -44.69
CA LYS E 103 26.76 27.03 -45.61
C LYS E 103 27.99 26.29 -46.09
N GLY E 104 28.61 25.49 -45.20
CA GLY E 104 29.71 24.63 -45.63
C GLY E 104 29.27 23.67 -46.71
N LEU E 105 28.04 23.17 -46.62
CA LEU E 105 27.50 22.30 -47.67
C LEU E 105 27.27 23.08 -48.95
N ASP E 106 26.79 24.33 -48.84
CA ASP E 106 26.62 25.17 -50.03
C ASP E 106 27.95 25.43 -50.71
N ILE E 107 29.03 25.57 -49.93
CA ILE E 107 30.35 25.78 -50.51
C ILE E 107 30.74 24.62 -51.41
N LEU E 108 30.58 23.39 -50.92
CA LEU E 108 31.00 22.22 -51.69
C LEU E 108 30.19 22.08 -52.97
N ASN E 109 28.92 22.45 -52.96
CA ASN E 109 28.14 22.48 -54.19
C ASN E 109 28.70 23.50 -55.17
N MET E 110 29.13 24.65 -54.66
CA MET E 110 29.71 25.67 -55.54
C MET E 110 31.06 25.23 -56.08
N VAL E 111 31.86 24.53 -55.27
CA VAL E 111 33.14 24.02 -55.74
C VAL E 111 32.92 22.99 -56.84
N GLY E 112 31.85 22.20 -56.73
CA GLY E 112 31.52 21.26 -57.77
C GLY E 112 31.12 21.94 -59.07
N GLU E 113 30.28 22.98 -58.98
CA GLU E 113 29.85 23.67 -60.19
C GLU E 113 31.00 24.39 -60.88
N ILE E 114 31.97 24.90 -60.09
CA ILE E 114 33.14 25.53 -60.69
C ILE E 114 33.94 24.50 -61.49
N LYS E 115 34.12 23.31 -60.94
CA LYS E 115 34.85 22.26 -61.66
C LYS E 115 34.15 21.90 -62.97
N GLY E 116 32.82 21.91 -62.99
CA GLY E 116 32.06 21.61 -64.19
C GLY E 116 32.34 22.54 -65.36
N THR E 117 32.17 23.85 -65.13
CA THR E 117 32.40 24.82 -66.20
C THR E 117 33.86 24.88 -66.63
N LEU E 118 34.79 24.60 -65.72
CA LEU E 118 36.21 24.66 -66.09
C LEU E 118 36.53 23.65 -67.18
N GLU E 119 35.90 22.48 -67.14
CA GLU E 119 36.09 21.48 -68.18
C GLU E 119 35.41 21.89 -69.48
N GLU F 5 -21.39 7.42 21.92
CA GLU F 5 -20.12 7.11 21.27
C GLU F 5 -19.80 5.63 21.36
N LEU F 6 -19.72 5.12 22.59
CA LEU F 6 -19.51 3.70 22.86
C LEU F 6 -20.64 3.19 23.74
N ALA F 7 -21.30 2.12 23.29
CA ALA F 7 -22.37 1.48 24.04
C ALA F 7 -21.82 0.20 24.66
N CYS F 8 -21.77 0.17 25.98
CA CYS F 8 -21.23 -0.99 26.69
C CYS F 8 -22.24 -2.12 26.71
N GLN F 9 -21.74 -3.35 26.60
CA GLN F 9 -22.58 -4.54 26.69
C GLN F 9 -21.82 -5.60 27.48
N GLU F 10 -22.53 -6.28 28.37
CA GLU F 10 -21.90 -7.29 29.22
C GLU F 10 -21.28 -8.40 28.39
N ILE F 11 -20.08 -8.82 28.78
CA ILE F 11 -19.34 -9.84 28.03
C ILE F 11 -20.04 -11.19 28.18
N THR F 12 -20.34 -11.81 27.03
CA THR F 12 -20.96 -13.13 26.99
C THR F 12 -20.06 -14.20 26.40
N VAL F 13 -18.96 -13.81 25.77
CA VAL F 13 -17.97 -14.76 25.24
C VAL F 13 -17.41 -15.57 26.40
N PRO F 14 -17.65 -16.89 26.42
CA PRO F 14 -17.19 -17.70 27.56
C PRO F 14 -15.70 -17.59 27.85
N LEU F 15 -14.87 -17.54 26.81
CA LEU F 15 -13.42 -17.45 27.01
C LEU F 15 -13.01 -16.15 27.70
N CYS F 16 -13.81 -15.09 27.54
CA CYS F 16 -13.44 -13.77 28.04
C CYS F 16 -14.13 -13.39 29.34
N LYS F 17 -14.78 -14.33 30.01
CA LYS F 17 -15.40 -14.04 31.31
C LYS F 17 -14.36 -14.14 32.41
N GLY F 18 -14.49 -13.27 33.41
CA GLY F 18 -13.59 -13.28 34.55
C GLY F 18 -12.17 -12.85 34.25
N ILE F 19 -11.98 -11.99 33.24
CA ILE F 19 -10.64 -11.53 32.87
C ILE F 19 -10.23 -10.25 33.59
N GLY F 20 -11.13 -9.60 34.32
CA GLY F 20 -10.78 -8.36 34.98
C GLY F 20 -11.78 -7.24 34.70
N TYR F 21 -12.55 -7.39 33.63
CA TYR F 21 -13.62 -6.45 33.32
C TYR F 21 -14.79 -7.21 32.72
N GLN F 22 -15.99 -6.69 32.94
CA GLN F 22 -17.22 -7.36 32.55
C GLN F 22 -17.91 -6.75 31.34
N TYR F 23 -17.47 -5.59 30.87
CA TYR F 23 -18.18 -4.86 29.82
C TYR F 23 -17.31 -4.69 28.59
N THR F 24 -17.94 -4.81 27.41
CA THR F 24 -17.26 -4.64 26.14
C THR F 24 -18.15 -3.82 25.23
N TYR F 25 -17.60 -3.42 24.08
CA TYR F 25 -18.33 -2.68 23.07
C TYR F 25 -18.13 -3.34 21.71
N MET F 26 -18.96 -2.94 20.74
CA MET F 26 -18.87 -3.43 19.38
C MET F 26 -19.11 -2.26 18.43
N PRO F 27 -18.44 -2.24 17.27
CA PRO F 27 -17.49 -3.26 16.81
C PRO F 27 -16.11 -3.16 17.43
N ASN F 28 -15.38 -4.28 17.46
CA ASN F 28 -14.00 -4.32 17.93
C ASN F 28 -13.07 -3.87 16.81
N GLN F 29 -11.75 -3.99 17.04
CA GLN F 29 -10.79 -3.59 16.03
C GLN F 29 -10.94 -4.39 14.75
N PHE F 30 -11.49 -5.59 14.84
CA PHE F 30 -11.65 -6.47 13.70
C PHE F 30 -12.98 -6.27 12.97
N ASN F 31 -13.75 -5.26 13.37
CA ASN F 31 -15.03 -4.92 12.72
C ASN F 31 -16.06 -6.03 12.88
N HIS F 32 -15.98 -6.78 13.96
CA HIS F 32 -17.02 -7.73 14.33
C HIS F 32 -18.18 -6.97 14.95
N ASP F 33 -19.40 -7.23 14.49
CA ASP F 33 -20.54 -6.43 14.94
C ASP F 33 -21.20 -6.95 16.21
N THR F 34 -21.10 -8.26 16.48
CA THR F 34 -21.69 -8.83 17.69
C THR F 34 -20.67 -9.72 18.39
N GLN F 35 -20.91 -9.97 19.67
CA GLN F 35 -20.02 -10.85 20.42
C GLN F 35 -20.07 -12.28 19.90
N ASP F 36 -21.21 -12.67 19.32
CA ASP F 36 -21.31 -14.00 18.71
C ASP F 36 -20.27 -14.18 17.61
N GLU F 37 -20.10 -13.15 16.76
CA GLU F 37 -19.08 -13.23 15.72
C GLU F 37 -17.67 -13.21 16.30
N ALA F 38 -17.42 -12.31 17.25
CA ALA F 38 -16.10 -12.25 17.87
C ALA F 38 -15.82 -13.51 18.67
N GLY F 39 -16.84 -14.08 19.30
CA GLY F 39 -16.65 -15.28 20.09
C GLY F 39 -16.19 -16.46 19.27
N LEU F 40 -16.74 -16.63 18.07
CA LEU F 40 -16.39 -17.77 17.24
C LEU F 40 -14.92 -17.76 16.83
N GLU F 41 -14.33 -16.57 16.66
CA GLU F 41 -12.92 -16.51 16.28
C GLU F 41 -12.01 -16.69 17.48
N VAL F 42 -12.26 -15.94 18.56
CA VAL F 42 -11.34 -15.98 19.70
C VAL F 42 -11.36 -17.36 20.35
N HIS F 43 -12.48 -18.08 20.24
CA HIS F 43 -12.56 -19.41 20.84
C HIS F 43 -11.66 -20.41 20.12
N GLN F 44 -11.28 -20.13 18.88
CA GLN F 44 -10.38 -21.02 18.15
C GLN F 44 -9.02 -21.10 18.81
N PHE F 45 -8.64 -20.08 19.58
CA PHE F 45 -7.37 -20.03 20.29
C PHE F 45 -7.37 -20.81 21.59
N TRP F 46 -8.45 -21.53 21.89
CA TRP F 46 -8.58 -22.13 23.21
C TRP F 46 -7.48 -23.14 23.57
N PRO F 47 -6.93 -23.95 22.66
CA PRO F 47 -5.84 -24.84 23.09
C PRO F 47 -4.62 -24.09 23.58
N LEU F 48 -4.28 -22.97 22.93
CA LEU F 48 -3.16 -22.15 23.40
C LEU F 48 -3.46 -21.52 24.75
N VAL F 49 -4.72 -21.21 25.04
CA VAL F 49 -5.06 -20.61 26.32
C VAL F 49 -4.99 -21.63 27.44
N GLU F 50 -5.52 -22.84 27.23
CA GLU F 50 -5.58 -23.82 28.30
C GLU F 50 -4.24 -24.45 28.60
N ILE F 51 -3.34 -24.52 27.61
CA ILE F 51 -1.99 -24.98 27.88
C ILE F 51 -1.24 -23.97 28.73
N GLN F 52 -1.65 -22.70 28.65
CA GLN F 52 -1.05 -21.61 29.41
C GLN F 52 0.43 -21.44 29.05
N CYS F 53 0.70 -21.34 27.76
CA CYS F 53 2.03 -20.97 27.29
C CYS F 53 2.42 -19.59 27.80
N SER F 54 1.44 -18.69 27.95
CA SER F 54 1.69 -17.37 28.50
C SER F 54 0.50 -17.04 29.40
N PRO F 55 0.75 -16.55 30.62
CA PRO F 55 -0.36 -16.09 31.46
C PRO F 55 -1.10 -14.90 30.87
N ASP F 56 -0.48 -14.20 29.93
CA ASP F 56 -1.03 -12.97 29.36
C ASP F 56 -1.83 -13.21 28.08
N LEU F 57 -1.90 -14.45 27.60
CA LEU F 57 -2.53 -14.71 26.31
C LEU F 57 -4.03 -14.42 26.37
N LYS F 58 -4.73 -14.96 27.37
CA LYS F 58 -6.17 -14.78 27.45
C LYS F 58 -6.53 -13.30 27.54
N PHE F 59 -5.82 -12.55 28.39
CA PHE F 59 -6.10 -11.13 28.54
C PHE F 59 -5.81 -10.39 27.24
N PHE F 60 -4.68 -10.69 26.59
CA PHE F 60 -4.35 -10.02 25.33
C PHE F 60 -5.41 -10.29 24.28
N LEU F 61 -5.78 -11.56 24.10
CA LEU F 61 -6.79 -11.91 23.11
C LEU F 61 -8.10 -11.19 23.36
N CYS F 62 -8.61 -11.29 24.60
CA CYS F 62 -9.90 -10.69 24.92
C CYS F 62 -9.87 -9.17 24.84
N SER F 63 -8.75 -8.55 25.17
CA SER F 63 -8.68 -7.08 25.13
C SER F 63 -8.84 -6.54 23.72
N MET F 64 -8.74 -7.38 22.69
CA MET F 64 -8.94 -7.00 21.30
C MET F 64 -10.28 -7.48 20.75
N TYR F 65 -10.61 -8.75 20.99
CA TYR F 65 -11.88 -9.28 20.48
C TYR F 65 -13.05 -8.76 21.29
N THR F 66 -12.87 -8.58 22.61
CA THR F 66 -13.89 -8.00 23.48
C THR F 66 -13.27 -6.84 24.25
N PRO F 67 -12.97 -5.74 23.55
CA PRO F 67 -12.28 -4.61 24.22
C PRO F 67 -13.06 -4.09 25.41
N ILE F 68 -12.32 -3.63 26.41
CA ILE F 68 -12.93 -3.14 27.65
C ILE F 68 -13.75 -1.89 27.38
N CYS F 69 -14.90 -1.79 28.04
CA CYS F 69 -15.81 -0.65 27.90
C CYS F 69 -16.05 -0.04 29.27
N LEU F 70 -15.87 1.27 29.37
CA LEU F 70 -16.03 2.00 30.63
C LEU F 70 -16.98 3.17 30.42
N GLU F 71 -17.90 3.36 31.37
CA GLU F 71 -18.89 4.41 31.24
C GLU F 71 -18.28 5.81 31.27
N ASP F 72 -17.18 5.98 31.99
CA ASP F 72 -16.53 7.28 32.10
C ASP F 72 -15.53 7.55 30.99
N TYR F 73 -14.73 6.54 30.63
CA TYR F 73 -13.68 6.69 29.63
C TYR F 73 -14.25 6.22 28.29
N LYS F 74 -14.81 7.16 27.54
CA LYS F 74 -15.43 6.87 26.24
C LYS F 74 -14.40 6.88 25.11
N LYS F 75 -13.33 6.11 25.29
CA LYS F 75 -12.23 6.03 24.34
C LYS F 75 -11.69 4.61 24.38
N PRO F 76 -11.28 4.05 23.24
CA PRO F 76 -10.69 2.71 23.25
C PRO F 76 -9.46 2.64 24.14
N LEU F 77 -9.38 1.57 24.93
CA LEU F 77 -8.27 1.32 25.84
C LEU F 77 -7.57 0.05 25.42
N PRO F 78 -6.55 0.13 24.57
CA PRO F 78 -5.91 -1.07 24.05
C PRO F 78 -4.94 -1.65 25.05
N PRO F 79 -4.46 -2.88 24.85
CA PRO F 79 -3.42 -3.41 25.70
C PRO F 79 -2.08 -2.75 25.41
N CYS F 80 -1.28 -2.59 26.45
CA CYS F 80 0.07 -2.07 26.25
C CYS F 80 0.87 -3.06 25.41
N ARG F 81 1.82 -2.54 24.65
CA ARG F 81 2.63 -3.39 23.78
C ARG F 81 3.37 -4.47 24.58
N SER F 82 3.81 -4.14 25.79
CA SER F 82 4.51 -5.11 26.64
C SER F 82 3.64 -6.34 26.89
N VAL F 83 2.33 -6.16 27.04
CA VAL F 83 1.43 -7.30 27.23
C VAL F 83 1.50 -8.22 26.02
N CYS F 84 1.50 -7.64 24.83
CA CYS F 84 1.60 -8.43 23.61
C CYS F 84 2.93 -9.18 23.54
N GLU F 85 4.02 -8.50 23.88
CA GLU F 85 5.35 -9.12 23.76
C GLU F 85 5.49 -10.33 24.68
N ARG F 86 4.99 -10.22 25.91
CA ARG F 86 5.04 -11.35 26.83
C ARG F 86 4.21 -12.52 26.30
N ALA F 87 3.03 -12.22 25.76
CA ALA F 87 2.19 -13.28 25.21
C ALA F 87 2.85 -13.94 24.00
N LYS F 88 3.58 -13.16 23.20
CA LYS F 88 4.28 -13.72 22.06
C LYS F 88 5.45 -14.59 22.51
N ALA F 89 6.21 -14.13 23.52
CA ALA F 89 7.37 -14.88 23.96
C ALA F 89 7.00 -16.29 24.41
N GLY F 90 5.86 -16.42 25.07
CA GLY F 90 5.44 -17.72 25.59
C GLY F 90 4.79 -18.63 24.56
N CYS F 91 3.90 -18.06 23.73
CA CYS F 91 3.03 -18.88 22.90
C CYS F 91 3.47 -19.00 21.46
N ALA F 92 4.17 -18.01 20.90
CA ALA F 92 4.61 -18.10 19.51
C ALA F 92 5.51 -19.31 19.23
N PRO F 93 6.49 -19.66 20.08
CA PRO F 93 7.26 -20.89 19.81
C PRO F 93 6.39 -22.14 19.76
N LEU F 94 5.43 -22.27 20.68
CA LEU F 94 4.54 -23.43 20.64
C LEU F 94 3.68 -23.42 19.38
N MET F 95 3.20 -22.25 18.98
CA MET F 95 2.42 -22.15 17.74
C MET F 95 3.25 -22.56 16.53
N ARG F 96 4.49 -22.04 16.45
CA ARG F 96 5.37 -22.35 15.32
C ARG F 96 5.60 -23.85 15.19
N GLN F 97 5.69 -24.55 16.33
CA GLN F 97 5.91 -26.00 16.30
C GLN F 97 4.76 -26.73 15.65
N TYR F 98 3.56 -26.17 15.71
CA TYR F 98 2.37 -26.77 15.09
C TYR F 98 2.00 -26.11 13.78
N GLY F 99 2.92 -25.35 13.17
CA GLY F 99 2.71 -24.85 11.84
C GLY F 99 1.96 -23.54 11.72
N PHE F 100 1.82 -22.79 12.81
CA PHE F 100 1.08 -21.52 12.80
C PHE F 100 2.02 -20.38 13.16
N ALA F 101 2.02 -19.34 12.33
CA ALA F 101 2.80 -18.14 12.61
C ALA F 101 1.99 -17.18 13.47
N TRP F 102 2.68 -16.21 14.05
CA TRP F 102 2.04 -15.22 14.91
C TRP F 102 1.15 -14.32 14.06
N PRO F 103 -0.16 -14.30 14.30
CA PRO F 103 -1.07 -13.56 13.41
C PRO F 103 -0.69 -12.10 13.24
N ASP F 104 -0.89 -11.60 12.01
CA ASP F 104 -0.57 -10.20 11.71
C ASP F 104 -1.47 -9.24 12.48
N ARG F 105 -2.71 -9.65 12.77
CA ARG F 105 -3.59 -8.80 13.57
C ARG F 105 -3.12 -8.69 15.01
N MET F 106 -2.30 -9.64 15.46
CA MET F 106 -1.75 -9.63 16.81
C MET F 106 -0.32 -9.11 16.84
N ARG F 107 0.10 -8.40 15.79
CA ARG F 107 1.42 -7.80 15.75
C ARG F 107 1.57 -6.78 16.87
N CYS F 108 2.67 -6.89 17.62
CA CYS F 108 2.85 -6.05 18.79
C CYS F 108 3.22 -4.62 18.44
N ASP F 109 3.82 -4.40 17.27
CA ASP F 109 4.24 -3.04 16.90
C ASP F 109 3.07 -2.07 16.79
N ARG F 110 1.86 -2.55 16.55
CA ARG F 110 0.70 -1.67 16.46
C ARG F 110 0.22 -1.18 17.82
N LEU F 111 0.58 -1.87 18.92
CA LEU F 111 0.07 -1.45 20.20
C LEU F 111 0.95 -0.37 20.82
N PRO F 112 0.35 0.55 21.56
CA PRO F 112 1.12 1.64 22.17
C PRO F 112 1.96 1.15 23.35
N GLU F 113 3.09 1.83 23.54
CA GLU F 113 3.96 1.61 24.68
C GLU F 113 3.36 2.25 25.93
N GLN F 114 3.80 1.77 27.09
CA GLN F 114 3.38 2.38 28.34
C GLN F 114 4.02 3.76 28.46
N GLY F 115 3.27 4.71 29.02
CA GLY F 115 3.77 6.07 29.12
C GLY F 115 3.66 6.87 27.84
N ASN F 116 2.81 6.43 26.91
CA ASN F 116 2.60 7.09 25.64
C ASN F 116 1.71 8.32 25.82
N PRO F 117 2.10 9.50 25.34
CA PRO F 117 1.29 10.71 25.59
C PRO F 117 -0.04 10.70 24.85
N ASP F 118 -0.16 9.94 23.77
CA ASP F 118 -1.38 9.99 22.96
C ASP F 118 -2.46 9.02 23.44
N THR F 119 -2.08 7.79 23.76
CA THR F 119 -3.04 6.75 24.11
C THR F 119 -2.64 6.06 25.41
N LEU F 120 -3.64 5.77 26.24
CA LEU F 120 -3.48 5.00 27.46
C LEU F 120 -3.72 3.53 27.16
N CYS F 121 -3.05 2.65 27.91
CA CYS F 121 -3.16 1.22 27.67
C CYS F 121 -3.16 0.45 28.98
N MET F 122 -3.71 -0.76 28.93
CA MET F 122 -3.81 -1.63 30.10
C MET F 122 -2.58 -2.53 30.20
N ASP F 123 -1.89 -2.45 31.34
CA ASP F 123 -0.79 -3.36 31.68
C ASP F 123 -1.12 -3.95 33.05
N HIS F 124 -1.81 -5.08 33.07
CA HIS F 124 -2.15 -5.72 34.35
C HIS F 124 -0.96 -6.49 34.92
N LEU G 6 7.83 -19.09 -2.44
CA LEU G 6 7.08 -18.80 -3.67
C LEU G 6 8.04 -18.58 -4.83
N ALA G 7 7.86 -19.34 -5.90
CA ALA G 7 8.68 -19.22 -7.10
C ALA G 7 7.89 -18.47 -8.16
N CYS G 8 8.36 -17.28 -8.53
CA CYS G 8 7.67 -16.46 -9.52
C CYS G 8 7.95 -17.01 -10.92
N GLN G 9 6.94 -16.95 -11.77
CA GLN G 9 7.09 -17.35 -13.16
C GLN G 9 6.29 -16.40 -14.03
N GLU G 10 6.87 -16.01 -15.16
CA GLU G 10 6.21 -15.06 -16.05
C GLU G 10 4.85 -15.60 -16.49
N ILE G 11 3.86 -14.72 -16.49
CA ILE G 11 2.50 -15.13 -16.83
C ILE G 11 2.45 -15.48 -18.31
N THR G 12 1.94 -16.68 -18.61
CA THR G 12 1.81 -17.14 -19.99
C THR G 12 0.36 -17.29 -20.44
N VAL G 13 -0.59 -17.27 -19.51
CA VAL G 13 -2.01 -17.31 -19.84
C VAL G 13 -2.32 -16.08 -20.68
N PRO G 14 -2.71 -16.25 -21.95
CA PRO G 14 -2.95 -15.09 -22.82
C PRO G 14 -3.96 -14.10 -22.25
N LEU G 15 -5.04 -14.59 -21.65
CA LEU G 15 -6.07 -13.71 -21.11
C LEU G 15 -5.56 -12.85 -19.97
N CYS G 16 -4.54 -13.32 -19.25
CA CYS G 16 -4.06 -12.63 -18.06
C CYS G 16 -2.81 -11.80 -18.31
N LYS G 17 -2.46 -11.59 -19.56
CA LYS G 17 -1.32 -10.74 -19.89
C LYS G 17 -1.74 -9.28 -19.90
N GLY G 18 -0.83 -8.42 -19.45
CA GLY G 18 -1.07 -6.99 -19.47
C GLY G 18 -2.17 -6.52 -18.54
N ILE G 19 -2.39 -7.21 -17.42
CA ILE G 19 -3.42 -6.80 -16.48
C ILE G 19 -2.90 -5.87 -15.38
N GLY G 20 -1.59 -5.64 -15.32
CA GLY G 20 -1.03 -4.80 -14.28
C GLY G 20 0.17 -5.40 -13.57
N TYR G 21 0.33 -6.72 -13.65
CA TYR G 21 1.50 -7.40 -13.10
C TYR G 21 1.91 -8.51 -14.04
N GLN G 22 3.22 -8.82 -14.05
CA GLN G 22 3.78 -9.75 -15.02
C GLN G 22 4.13 -11.12 -14.44
N TYR G 23 4.15 -11.28 -13.12
CA TYR G 23 4.64 -12.51 -12.51
C TYR G 23 3.56 -13.18 -11.68
N THR G 24 3.54 -14.52 -11.74
CA THR G 24 2.60 -15.32 -10.96
C THR G 24 3.34 -16.49 -10.36
N TYR G 25 2.66 -17.22 -9.48
CA TYR G 25 3.21 -18.41 -8.85
C TYR G 25 2.22 -19.57 -8.99
N MET G 26 2.71 -20.77 -8.71
CA MET G 26 1.89 -21.97 -8.73
C MET G 26 2.30 -22.85 -7.54
N PRO G 27 1.33 -23.57 -6.95
CA PRO G 27 -0.08 -23.65 -7.32
C PRO G 27 -0.93 -22.45 -6.89
N ASN G 28 -2.04 -22.21 -7.58
CA ASN G 28 -2.98 -21.18 -7.17
C ASN G 28 -3.91 -21.73 -6.10
N GLN G 29 -4.87 -20.90 -5.67
CA GLN G 29 -5.80 -21.34 -4.64
C GLN G 29 -6.64 -22.53 -5.08
N PHE G 30 -6.81 -22.71 -6.39
CA PHE G 30 -7.59 -23.81 -6.93
C PHE G 30 -6.76 -25.07 -7.14
N ASN G 31 -5.51 -25.08 -6.68
CA ASN G 31 -4.62 -26.24 -6.74
C ASN G 31 -4.24 -26.62 -8.16
N HIS G 32 -4.19 -25.64 -9.07
CA HIS G 32 -3.60 -25.86 -10.39
C HIS G 32 -2.09 -25.77 -10.27
N ASP G 33 -1.37 -26.75 -10.83
CA ASP G 33 0.07 -26.80 -10.65
C ASP G 33 0.84 -26.02 -11.71
N THR G 34 0.27 -25.82 -12.90
CA THR G 34 0.91 -25.04 -13.95
C THR G 34 -0.10 -24.08 -14.54
N GLN G 35 0.42 -23.04 -15.20
CA GLN G 35 -0.44 -22.07 -15.86
C GLN G 35 -1.23 -22.71 -16.98
N ASP G 36 -0.70 -23.78 -17.58
CA ASP G 36 -1.43 -24.50 -18.62
C ASP G 36 -2.74 -25.04 -18.09
N GLU G 37 -2.73 -25.62 -16.88
CA GLU G 37 -3.97 -26.09 -16.27
C GLU G 37 -4.87 -24.93 -15.88
N ALA G 38 -4.30 -23.89 -15.26
CA ALA G 38 -5.09 -22.73 -14.88
C ALA G 38 -5.61 -21.99 -16.10
N GLY G 39 -4.82 -21.96 -17.17
CA GLY G 39 -5.24 -21.29 -18.38
C GLY G 39 -6.48 -21.91 -19.00
N LEU G 40 -6.55 -23.25 -19.00
CA LEU G 40 -7.67 -23.93 -19.63
C LEU G 40 -8.99 -23.59 -18.95
N GLU G 41 -8.99 -23.36 -17.63
CA GLU G 41 -10.23 -23.02 -16.95
C GLU G 41 -10.55 -21.54 -17.08
N VAL G 42 -9.56 -20.67 -16.84
CA VAL G 42 -9.85 -19.24 -16.85
C VAL G 42 -10.24 -18.78 -18.25
N HIS G 43 -9.78 -19.48 -19.29
CA HIS G 43 -10.13 -19.11 -20.65
C HIS G 43 -11.61 -19.36 -20.95
N GLN G 44 -12.28 -20.23 -20.19
CA GLN G 44 -13.70 -20.47 -20.42
C GLN G 44 -14.54 -19.22 -20.20
N PHE G 45 -14.05 -18.28 -19.39
CA PHE G 45 -14.77 -17.04 -19.08
C PHE G 45 -14.60 -15.98 -20.16
N TRP G 46 -13.99 -16.33 -21.30
CA TRP G 46 -13.66 -15.30 -22.28
C TRP G 46 -14.85 -14.55 -22.86
N PRO G 47 -16.04 -15.14 -23.06
CA PRO G 47 -17.14 -14.32 -23.58
C PRO G 47 -17.53 -13.20 -22.64
N LEU G 48 -17.55 -13.47 -21.34
CA LEU G 48 -17.85 -12.45 -20.36
C LEU G 48 -16.78 -11.36 -20.30
N VAL G 49 -15.52 -11.73 -20.57
CA VAL G 49 -14.45 -10.74 -20.56
C VAL G 49 -14.56 -9.85 -21.79
N GLU G 50 -14.81 -10.44 -22.96
CA GLU G 50 -14.84 -9.64 -24.19
C GLU G 50 -16.11 -8.82 -24.31
N ILE G 51 -17.21 -9.28 -23.72
CA ILE G 51 -18.44 -8.49 -23.71
C ILE G 51 -18.28 -7.27 -22.82
N GLN G 52 -17.39 -7.35 -21.84
CA GLN G 52 -17.12 -6.26 -20.90
C GLN G 52 -18.35 -5.91 -20.07
N CYS G 53 -18.96 -6.95 -19.47
CA CYS G 53 -20.02 -6.71 -18.49
C CYS G 53 -19.49 -5.95 -17.29
N SER G 54 -18.23 -6.18 -16.91
CA SER G 54 -17.60 -5.48 -15.81
C SER G 54 -16.16 -5.17 -16.21
N PRO G 55 -15.70 -3.94 -16.01
CA PRO G 55 -14.28 -3.64 -16.27
C PRO G 55 -13.33 -4.38 -15.36
N ASP G 56 -13.80 -4.89 -14.22
CA ASP G 56 -12.94 -5.52 -13.22
C ASP G 56 -12.86 -7.04 -13.36
N LEU G 57 -13.59 -7.63 -14.30
CA LEU G 57 -13.67 -9.09 -14.37
C LEU G 57 -12.31 -9.71 -14.69
N LYS G 58 -11.63 -9.19 -15.72
CA LYS G 58 -10.36 -9.78 -16.14
C LYS G 58 -9.35 -9.74 -15.01
N PHE G 59 -9.23 -8.59 -14.32
CA PHE G 59 -8.29 -8.50 -13.21
C PHE G 59 -8.72 -9.42 -12.07
N PHE G 60 -10.01 -9.43 -11.73
CA PHE G 60 -10.48 -10.28 -10.65
C PHE G 60 -10.20 -11.75 -10.95
N LEU G 61 -10.58 -12.20 -12.14
CA LEU G 61 -10.35 -13.60 -12.52
C LEU G 61 -8.87 -13.94 -12.46
N CYS G 62 -8.02 -13.13 -13.10
CA CYS G 62 -6.61 -13.44 -13.17
C CYS G 62 -5.94 -13.42 -11.80
N SER G 63 -6.38 -12.53 -10.91
CA SER G 63 -5.76 -12.43 -9.59
C SER G 63 -5.92 -13.69 -8.76
N MET G 64 -6.79 -14.61 -9.18
CA MET G 64 -7.00 -15.88 -8.51
C MET G 64 -6.39 -17.05 -9.27
N TYR G 65 -6.61 -17.12 -10.58
CA TYR G 65 -6.05 -18.22 -11.36
C TYR G 65 -4.56 -18.05 -11.57
N THR G 66 -4.10 -16.81 -11.75
CA THR G 66 -2.68 -16.49 -11.89
C THR G 66 -2.34 -15.42 -10.85
N PRO G 67 -2.31 -15.80 -9.57
CA PRO G 67 -2.10 -14.83 -8.50
C PRO G 67 -0.77 -14.10 -8.64
N ILE G 68 -0.76 -12.84 -8.21
CA ILE G 68 0.44 -12.01 -8.35
C ILE G 68 1.57 -12.57 -7.50
N CYS G 69 2.78 -12.49 -8.05
CA CYS G 69 3.99 -12.93 -7.37
C CYS G 69 4.95 -11.75 -7.32
N LEU G 70 5.49 -11.45 -6.14
CA LEU G 70 6.40 -10.33 -5.96
C LEU G 70 7.67 -10.83 -5.28
N GLU G 71 8.83 -10.43 -5.82
CA GLU G 71 10.10 -10.88 -5.26
C GLU G 71 10.33 -10.34 -3.86
N ASP G 72 9.80 -9.16 -3.54
CA ASP G 72 10.00 -8.57 -2.23
C ASP G 72 8.96 -9.08 -1.23
N TYR G 73 7.71 -9.16 -1.65
CA TYR G 73 6.60 -9.59 -0.80
C TYR G 73 6.36 -11.07 -1.04
N LYS G 74 6.96 -11.92 -0.21
CA LYS G 74 6.83 -13.36 -0.36
C LYS G 74 5.57 -13.88 0.34
N LYS G 75 4.43 -13.25 0.03
CA LYS G 75 3.15 -13.61 0.62
C LYS G 75 2.05 -13.32 -0.40
N PRO G 76 1.06 -14.20 -0.53
CA PRO G 76 -0.07 -13.92 -1.43
C PRO G 76 -0.87 -12.69 -0.99
N LEU G 77 -1.19 -11.82 -1.95
CA LEU G 77 -2.04 -10.66 -1.72
C LEU G 77 -3.26 -10.75 -2.64
N PRO G 78 -4.39 -11.22 -2.13
CA PRO G 78 -5.56 -11.45 -2.99
C PRO G 78 -6.23 -10.15 -3.35
N PRO G 79 -7.19 -10.15 -4.28
CA PRO G 79 -7.92 -8.92 -4.58
C PRO G 79 -8.83 -8.51 -3.43
N CYS G 80 -8.97 -7.20 -3.26
CA CYS G 80 -9.89 -6.68 -2.26
C CYS G 80 -11.31 -7.08 -2.61
N ARG G 81 -12.15 -7.19 -1.57
CA ARG G 81 -13.54 -7.61 -1.78
C ARG G 81 -14.28 -6.71 -2.77
N SER G 82 -13.96 -5.41 -2.77
CA SER G 82 -14.62 -4.48 -3.68
C SER G 82 -14.45 -4.88 -5.13
N VAL G 83 -13.28 -5.43 -5.48
CA VAL G 83 -13.06 -5.89 -6.85
C VAL G 83 -14.04 -7.00 -7.20
N CYS G 84 -14.23 -7.93 -6.28
CA CYS G 84 -15.19 -9.00 -6.52
C CYS G 84 -16.60 -8.45 -6.65
N GLU G 85 -16.97 -7.52 -5.76
CA GLU G 85 -18.33 -6.97 -5.80
C GLU G 85 -18.60 -6.22 -7.09
N ARG G 86 -17.64 -5.41 -7.55
CA ARG G 86 -17.82 -4.70 -8.81
C ARG G 86 -17.92 -5.67 -9.98
N ALA G 87 -17.06 -6.69 -10.00
CA ALA G 87 -17.12 -7.69 -11.06
C ALA G 87 -18.43 -8.47 -10.99
N LYS G 88 -18.91 -8.75 -9.78
CA LYS G 88 -20.17 -9.44 -9.63
C LYS G 88 -21.35 -8.58 -10.06
N ALA G 89 -21.33 -7.30 -9.69
CA ALA G 89 -22.45 -6.41 -10.01
C ALA G 89 -22.68 -6.32 -11.52
N GLY G 90 -21.61 -6.28 -12.30
CA GLY G 90 -21.73 -6.12 -13.73
C GLY G 90 -22.07 -7.40 -14.47
N CYS G 91 -21.43 -8.51 -14.09
CA CYS G 91 -21.49 -9.73 -14.88
C CYS G 91 -22.48 -10.77 -14.36
N ALA G 92 -22.72 -10.82 -13.04
CA ALA G 92 -23.66 -11.82 -12.53
C ALA G 92 -25.05 -11.72 -13.15
N PRO G 93 -25.65 -10.53 -13.35
CA PRO G 93 -26.94 -10.50 -14.04
C PRO G 93 -26.84 -11.05 -15.46
N LEU G 94 -25.78 -10.72 -16.19
CA LEU G 94 -25.61 -11.24 -17.54
C LEU G 94 -25.41 -12.75 -17.54
N MET G 95 -24.65 -13.27 -16.57
CA MET G 95 -24.48 -14.71 -16.45
C MET G 95 -25.80 -15.41 -16.18
N ARG G 96 -26.56 -14.87 -15.21
CA ARG G 96 -27.82 -15.49 -14.79
C ARG G 96 -28.79 -15.65 -15.95
N GLN G 97 -28.82 -14.68 -16.88
CA GLN G 97 -29.73 -14.79 -18.02
C GLN G 97 -29.36 -15.97 -18.91
N TYR G 98 -28.10 -16.39 -18.91
CA TYR G 98 -27.66 -17.50 -19.75
C TYR G 98 -27.52 -18.81 -18.96
N GLY G 99 -28.13 -18.88 -17.78
CA GLY G 99 -28.25 -20.11 -17.02
C GLY G 99 -27.09 -20.48 -16.13
N PHE G 100 -26.16 -19.56 -15.86
CA PHE G 100 -25.01 -19.83 -15.01
C PHE G 100 -25.05 -18.91 -13.80
N ALA G 101 -24.97 -19.51 -12.62
CA ALA G 101 -24.91 -18.75 -11.38
C ALA G 101 -23.48 -18.34 -11.08
N TRP G 102 -23.33 -17.40 -10.15
CA TRP G 102 -22.03 -16.91 -9.76
C TRP G 102 -21.24 -18.02 -9.08
N PRO G 103 -20.09 -18.45 -9.63
CA PRO G 103 -19.37 -19.60 -9.08
C PRO G 103 -19.07 -19.49 -7.59
N ASP G 104 -19.15 -20.63 -6.89
CA ASP G 104 -18.91 -20.65 -5.46
C ASP G 104 -17.47 -20.28 -5.12
N ARG G 105 -16.53 -20.64 -5.99
CA ARG G 105 -15.13 -20.29 -5.74
C ARG G 105 -14.88 -18.78 -5.88
N MET G 106 -15.79 -18.07 -6.54
CA MET G 106 -15.69 -16.63 -6.73
C MET G 106 -16.57 -15.85 -5.76
N ARG G 107 -17.01 -16.49 -4.67
CA ARG G 107 -17.80 -15.82 -3.65
C ARG G 107 -17.00 -14.69 -3.01
N CYS G 108 -17.61 -13.51 -2.94
CA CYS G 108 -16.89 -12.32 -2.49
C CYS G 108 -16.63 -12.32 -0.99
N ASP G 109 -17.42 -13.08 -0.22
CA ASP G 109 -17.26 -13.09 1.24
C ASP G 109 -15.89 -13.61 1.67
N ARG G 110 -15.24 -14.44 0.84
CA ARG G 110 -13.95 -15.02 1.20
C ARG G 110 -12.79 -14.04 1.11
N LEU G 111 -12.93 -12.95 0.34
CA LEU G 111 -11.86 -12.02 0.09
C LEU G 111 -11.77 -10.96 1.19
N PRO G 112 -10.56 -10.48 1.49
CA PRO G 112 -10.40 -9.46 2.53
C PRO G 112 -10.94 -8.10 2.09
N GLU G 113 -11.42 -7.34 3.07
CA GLU G 113 -11.92 -6.00 2.82
C GLU G 113 -10.75 -5.05 2.55
N GLN G 114 -11.05 -3.96 1.85
CA GLN G 114 -10.03 -2.95 1.59
C GLN G 114 -9.71 -2.16 2.85
N GLY G 115 -8.42 -1.88 3.03
CA GLY G 115 -7.93 -1.07 4.14
C GLY G 115 -7.94 -1.73 5.50
N ASN G 116 -8.16 -3.03 5.60
CA ASN G 116 -8.12 -3.70 6.90
C ASN G 116 -6.67 -4.03 7.26
N PRO G 117 -6.23 -3.72 8.48
CA PRO G 117 -4.83 -3.95 8.85
C PRO G 117 -4.42 -5.43 8.85
N ASP G 118 -5.36 -6.37 8.76
CA ASP G 118 -5.04 -7.76 8.98
C ASP G 118 -4.38 -8.40 7.75
N THR G 119 -4.95 -8.19 6.57
CA THR G 119 -4.44 -8.74 5.33
C THR G 119 -4.41 -7.64 4.27
N LEU G 120 -3.36 -7.64 3.45
CA LEU G 120 -3.27 -6.68 2.36
C LEU G 120 -3.93 -7.22 1.10
N CYS G 121 -4.52 -6.32 0.32
CA CYS G 121 -5.21 -6.70 -0.91
C CYS G 121 -5.03 -5.59 -1.94
N MET G 122 -5.27 -5.95 -3.21
CA MET G 122 -5.17 -5.01 -4.32
C MET G 122 -6.49 -4.29 -4.48
N ASP G 123 -6.44 -2.95 -4.47
CA ASP G 123 -7.64 -2.15 -4.66
C ASP G 123 -8.09 -2.12 -6.11
N HIS G 124 -7.15 -2.14 -7.06
CA HIS G 124 -7.49 -2.14 -8.49
C HIS G 124 -8.46 -3.26 -8.82
N GLU H 5 -11.60 13.42 -28.33
CA GLU H 5 -10.78 12.62 -27.43
C GLU H 5 -9.57 13.40 -26.94
N LEU H 6 -8.51 13.40 -27.74
CA LEU H 6 -7.27 14.11 -27.43
C LEU H 6 -7.02 15.15 -28.51
N ALA H 7 -6.76 16.38 -28.09
CA ALA H 7 -6.52 17.51 -29.00
C ALA H 7 -5.02 17.75 -29.12
N CYS H 8 -4.51 17.63 -30.35
CA CYS H 8 -3.10 17.75 -30.62
C CYS H 8 -2.65 19.21 -30.54
N GLN H 9 -1.44 19.42 -30.05
CA GLN H 9 -0.82 20.73 -29.95
C GLN H 9 0.65 20.63 -30.30
N GLU H 10 1.14 21.60 -31.08
CA GLU H 10 2.53 21.58 -31.51
C GLU H 10 3.47 21.61 -30.32
N ILE H 11 4.52 20.78 -30.37
CA ILE H 11 5.47 20.67 -29.27
C ILE H 11 6.29 21.95 -29.15
N THR H 12 6.30 22.52 -27.94
CA THR H 12 7.06 23.73 -27.67
C THR H 12 8.21 23.52 -26.69
N VAL H 13 8.24 22.38 -26.00
CA VAL H 13 9.34 22.03 -25.09
C VAL H 13 10.64 21.91 -25.89
N PRO H 14 11.63 22.76 -25.62
CA PRO H 14 12.87 22.74 -26.42
C PRO H 14 13.56 21.38 -26.48
N LEU H 15 13.60 20.64 -25.37
CA LEU H 15 14.27 19.34 -25.35
C LEU H 15 13.61 18.35 -26.29
N CYS H 16 12.31 18.50 -26.56
CA CYS H 16 11.54 17.53 -27.32
C CYS H 16 11.33 17.92 -28.78
N LYS H 17 12.02 18.94 -29.28
CA LYS H 17 11.90 19.30 -30.68
C LYS H 17 12.79 18.42 -31.56
N GLY H 18 12.31 18.11 -32.75
CA GLY H 18 13.07 17.31 -33.70
C GLY H 18 13.30 15.88 -33.26
N ILE H 19 12.37 15.31 -32.48
CA ILE H 19 12.52 13.94 -31.98
C ILE H 19 11.88 12.90 -32.90
N GLY H 20 11.15 13.32 -33.93
CA GLY H 20 10.50 12.37 -34.81
C GLY H 20 9.03 12.66 -35.03
N TYR H 21 8.44 13.44 -34.14
CA TYR H 21 7.05 13.88 -34.28
C TYR H 21 6.94 15.31 -33.78
N GLN H 22 5.99 16.06 -34.34
CA GLN H 22 5.87 17.48 -34.05
C GLN H 22 4.70 17.81 -33.14
N TYR H 23 3.78 16.87 -32.90
CA TYR H 23 2.57 17.15 -32.15
C TYR H 23 2.47 16.28 -30.91
N THR H 24 1.94 16.87 -29.84
CA THR H 24 1.73 16.19 -28.57
C THR H 24 0.35 16.55 -28.05
N TYR H 25 -0.07 15.88 -26.98
CA TYR H 25 -1.34 16.17 -26.34
C TYR H 25 -1.14 16.34 -24.84
N MET H 26 -2.15 16.91 -24.19
CA MET H 26 -2.15 17.14 -22.75
C MET H 26 -3.52 16.84 -22.20
N PRO H 27 -3.63 16.33 -20.96
CA PRO H 27 -2.50 16.03 -20.07
C PRO H 27 -1.78 14.73 -20.42
N ASN H 28 -0.51 14.64 -20.03
CA ASN H 28 0.29 13.43 -20.23
C ASN H 28 0.00 12.42 -19.12
N GLN H 29 0.74 11.32 -19.14
CA GLN H 29 0.55 10.29 -18.11
C GLN H 29 0.85 10.82 -16.71
N PHE H 30 1.67 11.86 -16.61
CA PHE H 30 2.03 12.46 -15.32
C PHE H 30 1.07 13.55 -14.88
N ASN H 31 -0.04 13.74 -15.61
CA ASN H 31 -1.09 14.69 -15.23
C ASN H 31 -0.62 16.13 -15.27
N HIS H 32 0.33 16.45 -16.13
CA HIS H 32 0.70 17.83 -16.41
C HIS H 32 -0.32 18.44 -17.37
N ASP H 33 -0.81 19.63 -17.07
CA ASP H 33 -1.87 20.22 -17.89
C ASP H 33 -1.35 21.03 -19.06
N THR H 34 -0.12 21.56 -18.98
CA THR H 34 0.46 22.31 -20.08
C THR H 34 1.87 21.83 -20.35
N GLN H 35 2.37 22.12 -21.55
CA GLN H 35 3.75 21.80 -21.88
C GLN H 35 4.71 22.60 -21.02
N ASP H 36 4.29 23.79 -20.58
CA ASP H 36 5.12 24.60 -19.68
C ASP H 36 5.41 23.83 -18.39
N GLU H 37 4.39 23.17 -17.83
CA GLU H 37 4.60 22.37 -16.63
C GLU H 37 5.49 21.16 -16.92
N ALA H 38 5.23 20.46 -18.02
CA ALA H 38 6.05 19.32 -18.39
C ALA H 38 7.47 19.73 -18.75
N GLY H 39 7.65 20.92 -19.34
CA GLY H 39 8.99 21.33 -19.75
C GLY H 39 9.97 21.49 -18.60
N LEU H 40 9.52 22.08 -17.49
CA LEU H 40 10.43 22.30 -16.37
C LEU H 40 10.93 20.99 -15.77
N GLU H 41 10.11 19.94 -15.80
CA GLU H 41 10.56 18.67 -15.24
C GLU H 41 11.48 17.94 -16.21
N VAL H 42 11.07 17.85 -17.49
CA VAL H 42 11.86 17.10 -18.45
C VAL H 42 13.19 17.80 -18.71
N HIS H 43 13.23 19.13 -18.59
CA HIS H 43 14.48 19.86 -18.82
C HIS H 43 15.53 19.58 -17.74
N GLN H 44 15.11 19.11 -16.56
CA GLN H 44 16.07 18.78 -15.53
C GLN H 44 17.01 17.66 -15.97
N PHE H 45 16.57 16.82 -16.92
CA PHE H 45 17.35 15.72 -17.44
C PHE H 45 18.33 16.13 -18.54
N TRP H 46 18.49 17.42 -18.84
CA TRP H 46 19.29 17.79 -19.99
C TRP H 46 20.76 17.36 -19.91
N PRO H 47 21.42 17.34 -18.73
CA PRO H 47 22.81 16.84 -18.74
C PRO H 47 22.91 15.38 -19.13
N LEU H 48 21.96 14.55 -18.68
CA LEU H 48 21.96 13.14 -19.05
C LEU H 48 21.69 12.95 -20.55
N VAL H 49 20.88 13.83 -21.14
CA VAL H 49 20.62 13.72 -22.58
C VAL H 49 21.84 14.14 -23.38
N GLU H 50 22.49 15.24 -22.98
CA GLU H 50 23.62 15.76 -23.74
C GLU H 50 24.89 14.94 -23.54
N ILE H 51 25.00 14.25 -22.40
CA ILE H 51 26.14 13.38 -22.19
C ILE H 51 26.09 12.20 -23.16
N GLN H 52 24.89 11.87 -23.65
CA GLN H 52 24.66 10.81 -24.61
C GLN H 52 25.06 9.44 -24.06
N CYS H 53 24.62 9.16 -22.82
CA CYS H 53 24.76 7.82 -22.27
C CYS H 53 23.96 6.79 -23.06
N SER H 54 22.80 7.19 -23.58
CA SER H 54 21.98 6.31 -24.40
C SER H 54 21.43 7.14 -25.54
N PRO H 55 21.51 6.66 -26.78
CA PRO H 55 20.87 7.38 -27.89
C PRO H 55 19.35 7.44 -27.77
N ASP H 56 18.75 6.58 -26.96
CA ASP H 56 17.30 6.49 -26.87
C ASP H 56 16.72 7.31 -25.75
N LEU H 57 17.55 7.97 -24.93
CA LEU H 57 17.04 8.65 -23.75
C LEU H 57 16.14 9.82 -24.11
N LYS H 58 16.61 10.69 -25.01
CA LYS H 58 15.82 11.89 -25.34
C LYS H 58 14.46 11.51 -25.91
N PHE H 59 14.43 10.53 -26.81
CA PHE H 59 13.14 10.08 -27.35
C PHE H 59 12.29 9.45 -26.27
N PHE H 60 12.88 8.58 -25.44
CA PHE H 60 12.12 7.92 -24.38
C PHE H 60 11.50 8.93 -23.43
N LEU H 61 12.30 9.89 -22.95
CA LEU H 61 11.78 10.90 -22.03
C LEU H 61 10.63 11.67 -22.67
N CYS H 62 10.84 12.18 -23.89
CA CYS H 62 9.82 12.98 -24.55
C CYS H 62 8.59 12.17 -24.88
N SER H 63 8.74 10.88 -25.19
CA SER H 63 7.58 10.07 -25.53
C SER H 63 6.60 9.91 -24.37
N MET H 64 7.00 10.26 -23.15
CA MET H 64 6.13 10.22 -21.99
C MET H 64 5.70 11.60 -21.52
N TYR H 65 6.64 12.55 -21.42
CA TYR H 65 6.29 13.90 -20.97
C TYR H 65 5.54 14.67 -22.05
N THR H 66 5.89 14.46 -23.32
CA THR H 66 5.19 15.07 -24.46
C THR H 66 4.76 13.95 -25.41
N PRO H 67 3.78 13.13 -25.01
CA PRO H 67 3.40 11.97 -25.82
C PRO H 67 2.97 12.36 -27.22
N ILE H 68 3.27 11.48 -28.18
CA ILE H 68 2.97 11.78 -29.58
C ILE H 68 1.46 11.85 -29.80
N CYS H 69 1.05 12.82 -30.62
CA CYS H 69 -0.35 13.02 -30.95
C CYS H 69 -0.50 13.00 -32.46
N LEU H 70 -1.43 12.20 -32.96
CA LEU H 70 -1.68 12.08 -34.39
C LEU H 70 -3.17 12.28 -34.68
N GLU H 71 -3.47 13.05 -35.72
CA GLU H 71 -4.86 13.34 -36.05
C GLU H 71 -5.60 12.09 -36.50
N ASP H 72 -4.90 11.14 -37.11
CA ASP H 72 -5.52 9.91 -37.58
C ASP H 72 -5.60 8.85 -36.49
N TYR H 73 -4.53 8.70 -35.70
CA TYR H 73 -4.48 7.72 -34.61
C TYR H 73 -4.81 8.47 -33.33
N LYS H 74 -6.09 8.51 -32.99
CA LYS H 74 -6.58 9.20 -31.79
C LYS H 74 -6.54 8.27 -30.58
N LYS H 75 -5.35 7.72 -30.34
CA LYS H 75 -5.13 6.77 -29.27
C LYS H 75 -3.72 6.99 -28.72
N PRO H 76 -3.54 6.86 -27.41
CA PRO H 76 -2.19 7.01 -26.85
C PRO H 76 -1.23 5.98 -27.45
N LEU H 77 -0.04 6.45 -27.82
CA LEU H 77 0.99 5.61 -28.43
C LEU H 77 2.23 5.63 -27.55
N PRO H 78 2.36 4.68 -26.62
CA PRO H 78 3.50 4.72 -25.69
C PRO H 78 4.76 4.16 -26.33
N PRO H 79 5.92 4.38 -25.73
CA PRO H 79 7.13 3.73 -26.23
C PRO H 79 7.16 2.25 -25.89
N CYS H 80 7.72 1.47 -26.80
CA CYS H 80 7.92 0.04 -26.55
C CYS H 80 8.89 -0.18 -25.40
N ARG H 81 8.73 -1.31 -24.73
CA ARG H 81 9.60 -1.65 -23.60
C ARG H 81 11.07 -1.66 -24.01
N SER H 82 11.36 -2.11 -25.24
CA SER H 82 12.73 -2.18 -25.71
C SER H 82 13.41 -0.81 -25.67
N VAL H 83 12.67 0.25 -26.00
CA VAL H 83 13.23 1.59 -25.93
C VAL H 83 13.62 1.94 -24.50
N CYS H 84 12.75 1.61 -23.54
CA CYS H 84 13.05 1.87 -22.13
C CYS H 84 14.27 1.08 -21.66
N GLU H 85 14.34 -0.20 -22.03
CA GLU H 85 15.45 -1.03 -21.58
C GLU H 85 16.77 -0.49 -22.11
N ARG H 86 16.80 -0.07 -23.38
CA ARG H 86 18.01 0.52 -23.93
C ARG H 86 18.35 1.83 -23.22
N ALA H 87 17.32 2.65 -22.94
CA ALA H 87 17.55 3.89 -22.20
C ALA H 87 17.99 3.61 -20.78
N LYS H 88 17.44 2.57 -20.15
CA LYS H 88 17.85 2.22 -18.80
C LYS H 88 19.26 1.65 -18.78
N ALA H 89 19.57 0.77 -19.73
CA ALA H 89 20.89 0.14 -19.76
C ALA H 89 22.02 1.16 -19.89
N GLY H 90 21.82 2.19 -20.70
CA GLY H 90 22.88 3.14 -20.98
C GLY H 90 23.10 4.21 -19.92
N CYS H 91 22.03 4.77 -19.37
CA CYS H 91 22.11 5.96 -18.53
C CYS H 91 22.04 5.67 -17.03
N ALA H 92 21.35 4.60 -16.63
CA ALA H 92 21.23 4.29 -15.21
C ALA H 92 22.56 4.15 -14.49
N PRO H 93 23.60 3.50 -15.04
CA PRO H 93 24.89 3.47 -14.31
C PRO H 93 25.47 4.85 -14.09
N LEU H 94 25.42 5.72 -15.09
CA LEU H 94 25.92 7.08 -14.90
C LEU H 94 25.08 7.84 -13.88
N MET H 95 23.76 7.65 -13.92
CA MET H 95 22.89 8.26 -12.92
C MET H 95 23.23 7.74 -11.53
N ARG H 96 23.39 6.42 -11.40
CA ARG H 96 23.71 5.81 -10.12
C ARG H 96 25.02 6.36 -9.56
N GLN H 97 26.00 6.62 -10.43
CA GLN H 97 27.29 7.14 -9.97
C GLN H 97 27.15 8.52 -9.35
N TYR H 98 26.13 9.28 -9.76
CA TYR H 98 25.86 10.60 -9.20
C TYR H 98 24.73 10.58 -8.19
N GLY H 99 24.40 9.40 -7.67
CA GLY H 99 23.47 9.27 -6.56
C GLY H 99 22.00 9.23 -6.93
N PHE H 100 21.66 9.01 -8.19
CA PHE H 100 20.28 8.99 -8.64
C PHE H 100 19.92 7.61 -9.15
N ALA H 101 18.84 7.04 -8.62
CA ALA H 101 18.33 5.77 -9.10
C ALA H 101 17.39 5.98 -10.28
N TRP H 102 17.12 4.90 -10.99
CA TRP H 102 16.21 4.97 -12.13
C TRP H 102 14.80 5.29 -11.65
N PRO H 103 14.22 6.41 -12.03
CA PRO H 103 12.91 6.82 -11.50
C PRO H 103 11.85 5.74 -11.67
N ASP H 104 10.99 5.60 -10.65
CA ASP H 104 9.94 4.60 -10.70
C ASP H 104 8.93 4.87 -11.81
N ARG H 105 8.72 6.14 -12.15
CA ARG H 105 7.82 6.46 -13.25
C ARG H 105 8.37 5.98 -14.59
N MET H 106 9.67 5.70 -14.66
CA MET H 106 10.33 5.21 -15.86
C MET H 106 10.59 3.70 -15.80
N ARG H 107 9.91 2.98 -14.92
CA ARG H 107 10.07 1.53 -14.86
C ARG H 107 9.61 0.91 -16.17
N CYS H 108 10.47 0.05 -16.74
CA CYS H 108 10.21 -0.49 -18.06
C CYS H 108 9.11 -1.55 -18.06
N ASP H 109 8.86 -2.19 -16.92
CA ASP H 109 7.82 -3.20 -16.85
C ASP H 109 6.44 -2.62 -17.15
N ARG H 110 6.27 -1.31 -16.98
CA ARG H 110 4.99 -0.66 -17.22
C ARG H 110 4.65 -0.53 -18.70
N LEU H 111 5.66 -0.55 -19.58
CA LEU H 111 5.45 -0.30 -21.00
C LEU H 111 5.09 -1.58 -21.74
N PRO H 112 4.24 -1.48 -22.77
CA PRO H 112 3.85 -2.67 -23.52
C PRO H 112 4.99 -3.19 -24.39
N GLU H 113 4.99 -4.51 -24.56
CA GLU H 113 5.93 -5.18 -25.42
C GLU H 113 5.54 -4.99 -26.89
N GLN H 114 6.52 -5.16 -27.77
CA GLN H 114 6.24 -5.08 -29.19
C GLN H 114 5.41 -6.29 -29.60
N GLY H 115 4.48 -6.08 -30.53
CA GLY H 115 3.61 -7.17 -30.94
C GLY H 115 2.50 -7.48 -29.97
N ASN H 116 2.19 -6.54 -29.06
CA ASN H 116 1.16 -6.72 -28.06
C ASN H 116 -0.23 -6.51 -28.69
N PRO H 117 -1.18 -7.41 -28.45
CA PRO H 117 -2.48 -7.30 -29.13
C PRO H 117 -3.32 -6.10 -28.73
N ASP H 118 -3.09 -5.51 -27.57
CA ASP H 118 -3.97 -4.44 -27.13
C ASP H 118 -3.55 -3.06 -27.61
N THR H 119 -2.26 -2.71 -27.47
CA THR H 119 -1.78 -1.38 -27.80
C THR H 119 -0.53 -1.47 -28.67
N LEU H 120 -0.40 -0.50 -29.57
CA LEU H 120 0.80 -0.34 -30.39
C LEU H 120 1.79 0.54 -29.65
N CYS H 121 3.07 0.34 -29.93
CA CYS H 121 4.10 1.13 -29.27
C CYS H 121 5.18 1.51 -30.27
N MET H 122 5.89 2.58 -29.93
CA MET H 122 6.97 3.12 -30.74
C MET H 122 8.27 2.43 -30.36
N ASP H 123 8.99 1.92 -31.35
CA ASP H 123 10.28 1.29 -31.10
C ASP H 123 11.45 2.16 -31.54
N HIS H 124 11.15 3.34 -32.12
CA HIS H 124 12.17 4.32 -32.49
C HIS H 124 13.16 3.77 -33.53
#